data_3TU3
#
_entry.id   3TU3
#
_cell.length_a   154.140
_cell.length_b   52.583
_cell.length_c   119.539
_cell.angle_alpha   90.00
_cell.angle_beta   126.59
_cell.angle_gamma   90.00
#
_symmetry.space_group_name_H-M   'C 1 2 1'
#
loop_
_entity.id
_entity.type
_entity.pdbx_description
1 polymer 'ExoU chaperone'
2 polymer ExoU
3 water water
#
loop_
_entity_poly.entity_id
_entity_poly.type
_entity_poly.pdbx_seq_one_letter_code
_entity_poly.pdbx_strand_id
1 'polypeptide(L)'
;MHHHHHHSSGVDLGTENLYFQSNAMIDTWLAQWGLRLPSSNDATLRLQPAEGPELVMERLEGGWLFVVELGLVPSGLPLG
VILQLLQVNSPFSSLAPVKLAADDAGRLVLWAEARDGVDDVDALNRLHDRLREGHSRLVPLLEPTGELVPAQIQTSALVF
V
;
A
2 'polypeptide(L)'
;MHHHHHHSSGVDLGTENLYFQSNAMHIQSLGATASSLNQEPVETPSQAAHKSASLRQEPSGQGLGVALKSTPGILSGKLP
ESVSDVRFSSPQGQGESRTLTDSAGPRQITLRQFENGVTELQLSRPPLTSLVLSGGGAKGAAYPGAMLALEEKGMLDGIR
SMSGSSAGGITAALLASGMSPAAFKTLSDKMDLISLLDSSNKKLKLFQHISSEIGASLKKGLGNKIGGFSELLLNVLPRI
DSRAEPLERLLRDETRKAVLGQIATHPEVARQPTVAAIASRLQSGSGVTFGDLDRLSAYIPQIKTLNITGTAMFEGRPQL
VVFNASHTPDLEVAQAAHISGSFPGVFQKVSLSDQPYQAGVEWTEFQDGGVMINVPVPEMIDKNFDSGPLRRNDNLILEF
EGEAGEVAPDRGTRGGALKGWVVGVPALQAREMLQLEGLEELREQTVVVPLKSERGDFSGMLGGTLNFTMPDEIKAHLQE
RLQERVGEHLEKRLQASERHTFASLDEALLALDDSMLTSVAQQNPEITDGAVAFRQKARDAFTELTVAIVSANGLAGRLK
LDEAMRSALQRLDALADTPERLAWLAAELNHADNVDHQQLLDAMRGQTVQSPVLAAALAEAQRRKVAVIAENIRKEVIFP
SLYRPGQPDSNVALLRRAEEQLRHATSPAEINQALNDIVDNYSARGFLRFGKPLSSTTVEMAKAWRNKEFT
;
B
#
# COMPACT_ATOMS: atom_id res chain seq x y z
N MET A 25 -34.85 -9.28 13.65
CA MET A 25 -34.42 -9.09 12.24
C MET A 25 -33.65 -7.75 12.18
N ILE A 26 -32.49 -7.79 11.54
CA ILE A 26 -31.58 -6.64 11.45
C ILE A 26 -32.15 -5.36 10.83
N ASP A 27 -32.92 -5.49 9.75
CA ASP A 27 -33.49 -4.32 9.07
C ASP A 27 -34.51 -3.65 10.00
N THR A 28 -35.28 -4.47 10.72
CA THR A 28 -36.29 -3.98 11.66
C THR A 28 -35.62 -3.33 12.87
N TRP A 29 -34.50 -3.91 13.27
CA TRP A 29 -33.75 -3.38 14.38
C TRP A 29 -33.24 -1.99 13.97
N LEU A 30 -32.69 -1.87 12.77
CA LEU A 30 -32.20 -0.60 12.25
C LEU A 30 -33.32 0.42 12.06
N ALA A 31 -34.51 -0.07 11.71
CA ALA A 31 -35.69 0.77 11.51
C ALA A 31 -36.01 1.60 12.75
N GLN A 32 -35.60 1.12 13.92
CA GLN A 32 -35.83 1.85 15.16
C GLN A 32 -35.24 3.25 15.08
N TRP A 33 -34.15 3.42 14.31
CA TRP A 33 -33.52 4.73 14.18
C TRP A 33 -33.76 5.42 12.85
N GLY A 34 -34.72 4.90 12.08
CA GLY A 34 -35.05 5.47 10.79
C GLY A 34 -34.05 5.04 9.73
N LEU A 35 -33.29 3.99 10.04
CA LEU A 35 -32.27 3.46 9.13
C LEU A 35 -32.75 2.19 8.45
N ARG A 36 -32.08 1.83 7.37
CA ARG A 36 -32.40 0.64 6.60
C ARG A 36 -31.08 -0.03 6.25
N LEU A 37 -31.10 -1.35 6.12
CA LEU A 37 -29.90 -2.09 5.78
C LEU A 37 -29.54 -1.68 4.35
N PRO A 38 -28.32 -1.14 4.15
CA PRO A 38 -27.91 -0.72 2.80
C PRO A 38 -27.98 -1.90 1.83
N SER A 39 -28.52 -1.69 0.63
CA SER A 39 -28.65 -2.78 -0.36
C SER A 39 -27.32 -3.33 -0.87
N SER A 40 -26.25 -2.55 -0.75
CA SER A 40 -24.93 -3.00 -1.19
C SER A 40 -24.38 -3.82 -0.03
N ASN A 41 -24.92 -5.03 0.14
CA ASN A 41 -24.49 -5.91 1.23
C ASN A 41 -22.97 -5.96 1.42
N ASP A 42 -22.45 -4.93 2.09
CA ASP A 42 -21.04 -4.81 2.38
C ASP A 42 -20.81 -5.62 3.67
N ALA A 43 -19.61 -6.20 3.80
CA ALA A 43 -19.27 -7.02 4.95
C ALA A 43 -19.23 -6.31 6.31
N THR A 44 -18.97 -5.01 6.34
CA THR A 44 -18.88 -4.26 7.61
C THR A 44 -19.66 -2.95 7.64
N LEU A 45 -20.56 -2.80 8.62
CA LEU A 45 -21.36 -1.60 8.81
C LEU A 45 -20.99 -0.97 10.16
N ARG A 46 -21.06 0.34 10.25
CA ARG A 46 -20.71 1.03 11.49
C ARG A 46 -21.80 2.00 11.87
N LEU A 47 -22.22 1.93 13.13
CA LEU A 47 -23.27 2.79 13.65
C LEU A 47 -22.72 3.71 14.70
N GLN A 48 -23.18 4.96 14.69
CA GLN A 48 -22.74 5.92 15.67
C GLN A 48 -23.93 6.58 16.35
N PRO A 49 -24.21 6.18 17.60
CA PRO A 49 -25.30 6.84 18.30
C PRO A 49 -24.80 8.21 18.74
N ALA A 50 -25.71 9.12 19.10
CA ALA A 50 -25.32 10.44 19.55
C ALA A 50 -24.42 10.36 20.79
N GLU A 51 -24.66 9.35 21.63
N GLU A 51 -24.66 9.34 21.62
CA GLU A 51 -23.88 9.15 22.83
CA GLU A 51 -23.87 9.16 22.82
C GLU A 51 -23.40 7.70 22.89
C GLU A 51 -23.39 7.71 22.86
N GLY A 52 -22.16 7.51 23.30
CA GLY A 52 -21.59 6.19 23.40
C GLY A 52 -20.67 5.85 22.24
N PRO A 53 -20.15 4.62 22.27
CA PRO A 53 -19.22 4.13 21.28
C PRO A 53 -19.83 3.78 19.93
N GLU A 54 -18.96 3.73 18.92
CA GLU A 54 -19.38 3.33 17.60
C GLU A 54 -19.61 1.83 17.68
N LEU A 55 -20.66 1.35 17.02
CA LEU A 55 -20.94 -0.08 17.01
C LEU A 55 -20.52 -0.59 15.64
N VAL A 56 -19.66 -1.60 15.61
CA VAL A 56 -19.18 -2.17 14.36
C VAL A 56 -19.95 -3.46 14.17
N MET A 57 -20.58 -3.61 13.02
CA MET A 57 -21.35 -4.80 12.70
C MET A 57 -20.65 -5.51 11.55
N GLU A 58 -20.28 -6.76 11.77
CA GLU A 58 -19.59 -7.55 10.76
C GLU A 58 -20.50 -8.73 10.42
N ARG A 59 -20.80 -8.89 9.14
CA ARG A 59 -21.67 -9.96 8.71
C ARG A 59 -21.01 -11.34 8.76
N LEU A 60 -21.68 -12.28 9.43
CA LEU A 60 -21.20 -13.64 9.56
C LEU A 60 -22.15 -14.44 8.68
N GLU A 61 -21.66 -15.47 8.00
CA GLU A 61 -22.54 -16.24 7.14
C GLU A 61 -23.55 -16.93 8.05
N GLY A 62 -24.68 -16.25 8.27
CA GLY A 62 -25.76 -16.75 9.13
C GLY A 62 -25.92 -15.97 10.43
N GLY A 63 -25.48 -14.71 10.44
CA GLY A 63 -25.58 -13.88 11.63
C GLY A 63 -24.74 -12.63 11.58
N TRP A 64 -24.60 -11.97 12.73
CA TRP A 64 -23.79 -10.76 12.82
C TRP A 64 -22.89 -10.75 14.03
N LEU A 65 -21.78 -10.07 13.87
CA LEU A 65 -20.83 -9.89 14.92
C LEU A 65 -20.90 -8.41 15.25
N PHE A 66 -21.31 -8.13 16.50
CA PHE A 66 -21.45 -6.77 17.05
C PHE A 66 -20.20 -6.49 17.90
N VAL A 67 -19.49 -5.41 17.60
CA VAL A 67 -18.28 -5.10 18.33
C VAL A 67 -18.14 -3.62 18.70
N VAL A 68 -17.55 -3.36 19.87
CA VAL A 68 -17.27 -2.00 20.32
C VAL A 68 -15.80 -2.04 20.69
N GLU A 69 -15.08 -1.02 20.23
CA GLU A 69 -13.64 -0.91 20.40
C GLU A 69 -13.25 -0.11 21.67
N LEU A 70 -12.20 -0.56 22.36
CA LEU A 70 -11.70 0.09 23.58
C LEU A 70 -10.26 0.57 23.49
N GLY A 71 -9.71 0.63 22.28
CA GLY A 71 -8.33 1.06 22.08
C GLY A 71 -7.35 -0.07 22.31
N LEU A 72 -6.09 0.14 21.94
CA LEU A 72 -5.06 -0.88 22.11
C LEU A 72 -4.85 -1.13 23.61
N VAL A 73 -4.59 -2.39 23.94
CA VAL A 73 -4.36 -2.79 25.33
C VAL A 73 -3.12 -2.03 25.79
N PRO A 74 -3.26 -1.26 26.86
CA PRO A 74 -2.11 -0.51 27.34
C PRO A 74 -1.11 -1.38 28.06
N SER A 75 0.12 -0.92 28.09
CA SER A 75 1.16 -1.61 28.80
C SER A 75 1.06 -1.15 30.25
N GLY A 76 1.50 -1.99 31.17
CA GLY A 76 1.50 -1.64 32.59
C GLY A 76 0.21 -1.60 33.39
N LEU A 77 -0.84 -2.27 32.93
CA LEU A 77 -2.08 -2.27 33.71
C LEU A 77 -1.88 -2.96 35.06
N PRO A 78 -2.50 -2.42 36.11
CA PRO A 78 -2.37 -3.06 37.44
C PRO A 78 -3.14 -4.38 37.44
N LEU A 79 -2.75 -5.32 38.29
CA LEU A 79 -3.39 -6.63 38.36
C LEU A 79 -4.92 -6.54 38.53
N GLY A 80 -5.38 -5.65 39.40
CA GLY A 80 -6.82 -5.50 39.63
C GLY A 80 -7.60 -5.18 38.36
N VAL A 81 -7.00 -4.38 37.49
CA VAL A 81 -7.63 -4.01 36.24
C VAL A 81 -7.67 -5.22 35.32
N ILE A 82 -6.56 -5.95 35.25
CA ILE A 82 -6.48 -7.18 34.45
C ILE A 82 -7.57 -8.14 34.92
N LEU A 83 -7.71 -8.27 36.24
CA LEU A 83 -8.75 -9.16 36.80
C LEU A 83 -10.15 -8.70 36.37
N GLN A 84 -10.42 -7.40 36.51
CA GLN A 84 -11.73 -6.88 36.13
C GLN A 84 -12.01 -7.18 34.64
N LEU A 85 -11.03 -6.98 33.78
CA LEU A 85 -11.20 -7.27 32.37
C LEU A 85 -11.51 -8.75 32.13
N LEU A 86 -10.71 -9.63 32.73
CA LEU A 86 -10.93 -11.06 32.55
C LEU A 86 -12.26 -11.53 33.17
N GLN A 87 -12.70 -10.86 34.24
CA GLN A 87 -13.96 -11.21 34.89
C GLN A 87 -15.20 -10.95 34.03
N VAL A 88 -15.05 -10.11 33.01
CA VAL A 88 -16.15 -9.83 32.08
C VAL A 88 -16.59 -11.13 31.40
N ASN A 89 -15.64 -12.04 31.23
CA ASN A 89 -15.88 -13.34 30.56
C ASN A 89 -16.44 -14.48 31.40
N SER A 90 -16.77 -14.18 32.65
CA SER A 90 -17.38 -15.16 33.53
C SER A 90 -18.72 -15.53 32.94
N PRO A 91 -19.08 -16.82 33.00
CA PRO A 91 -20.38 -17.22 32.48
C PRO A 91 -21.52 -16.54 33.24
N PHE A 92 -21.25 -16.04 34.44
CA PHE A 92 -22.26 -15.37 35.24
C PHE A 92 -22.11 -13.86 35.31
N SER A 93 -21.32 -13.29 34.40
CA SER A 93 -21.12 -11.86 34.36
C SER A 93 -22.42 -11.14 34.01
N SER A 94 -22.62 -9.97 34.61
CA SER A 94 -23.81 -9.17 34.34
C SER A 94 -23.81 -8.70 32.87
N LEU A 95 -22.66 -8.75 32.22
CA LEU A 95 -22.54 -8.34 30.81
C LEU A 95 -22.84 -9.48 29.84
N ALA A 96 -23.11 -10.68 30.36
CA ALA A 96 -23.40 -11.86 29.52
C ALA A 96 -24.47 -11.53 28.48
N PRO A 97 -24.31 -12.04 27.23
CA PRO A 97 -23.26 -12.89 26.68
C PRO A 97 -22.06 -12.15 26.07
N VAL A 98 -21.91 -10.87 26.34
CA VAL A 98 -20.78 -10.11 25.81
C VAL A 98 -19.46 -10.70 26.28
N LYS A 99 -18.47 -10.66 25.41
CA LYS A 99 -17.14 -11.15 25.72
C LYS A 99 -16.09 -10.06 25.49
N LEU A 100 -15.05 -10.09 26.31
CA LEU A 100 -13.94 -9.15 26.21
C LEU A 100 -12.79 -9.92 25.59
N ALA A 101 -12.24 -9.36 24.51
CA ALA A 101 -11.14 -9.99 23.80
C ALA A 101 -10.18 -8.94 23.26
N ALA A 102 -9.13 -9.41 22.61
CA ALA A 102 -8.18 -8.49 21.96
C ALA A 102 -8.14 -9.05 20.55
N ASP A 103 -8.13 -8.17 19.55
CA ASP A 103 -8.08 -8.63 18.17
C ASP A 103 -6.64 -8.97 17.86
N ASP A 104 -6.36 -9.35 16.61
CA ASP A 104 -5.01 -9.77 16.22
C ASP A 104 -3.96 -8.68 16.30
N ALA A 105 -4.39 -7.42 16.29
CA ALA A 105 -3.49 -6.27 16.37
C ALA A 105 -3.38 -5.72 17.80
N GLY A 106 -3.92 -6.45 18.77
CA GLY A 106 -3.87 -6.05 20.17
C GLY A 106 -4.89 -5.00 20.60
N ARG A 107 -5.97 -4.86 19.83
CA ARG A 107 -7.00 -3.89 20.17
C ARG A 107 -8.02 -4.58 21.06
N LEU A 108 -8.28 -3.96 22.21
N LEU A 108 -8.29 -3.94 22.20
CA LEU A 108 -9.23 -4.49 23.17
CA LEU A 108 -9.21 -4.47 23.17
C LEU A 108 -10.63 -4.27 22.62
C LEU A 108 -10.63 -4.27 22.64
N VAL A 109 -11.47 -5.31 22.70
CA VAL A 109 -12.83 -5.20 22.21
C VAL A 109 -13.83 -6.02 22.99
N LEU A 110 -15.07 -5.57 22.95
CA LEU A 110 -16.21 -6.22 23.56
C LEU A 110 -17.01 -6.69 22.34
N TRP A 111 -17.47 -7.94 22.36
CA TRP A 111 -18.24 -8.44 21.22
C TRP A 111 -19.29 -9.44 21.63
N ALA A 112 -20.25 -9.61 20.73
CA ALA A 112 -21.35 -10.53 20.91
C ALA A 112 -21.79 -10.92 19.50
N GLU A 113 -22.38 -12.10 19.37
CA GLU A 113 -22.84 -12.58 18.08
C GLU A 113 -24.36 -12.61 18.01
N ALA A 114 -24.91 -12.03 16.95
CA ALA A 114 -26.35 -11.98 16.72
C ALA A 114 -26.61 -13.10 15.71
N ARG A 115 -27.48 -14.04 16.05
CA ARG A 115 -27.71 -15.14 15.15
C ARG A 115 -29.06 -15.00 14.46
N ASP A 116 -29.04 -14.99 13.12
CA ASP A 116 -30.28 -14.87 12.34
C ASP A 116 -31.34 -15.86 12.77
N GLY A 117 -32.60 -15.41 12.78
CA GLY A 117 -33.73 -16.27 13.15
C GLY A 117 -33.86 -16.67 14.61
N VAL A 118 -32.96 -16.18 15.46
CA VAL A 118 -32.98 -16.50 16.87
C VAL A 118 -33.11 -15.23 17.72
N ASP A 119 -32.28 -14.24 17.41
CA ASP A 119 -32.29 -12.98 18.13
C ASP A 119 -33.18 -11.94 17.44
N ASP A 120 -34.29 -11.60 18.09
CA ASP A 120 -35.22 -10.62 17.53
C ASP A 120 -34.78 -9.20 17.93
N VAL A 121 -35.64 -8.22 17.70
CA VAL A 121 -35.29 -6.84 18.04
C VAL A 121 -34.89 -6.68 19.50
N ASP A 122 -35.67 -7.24 20.42
CA ASP A 122 -35.33 -7.13 21.85
C ASP A 122 -33.97 -7.79 22.17
N ALA A 123 -33.68 -8.92 21.54
CA ALA A 123 -32.41 -9.60 21.79
C ALA A 123 -31.26 -8.72 21.29
N LEU A 124 -31.42 -8.14 20.09
CA LEU A 124 -30.39 -7.28 19.53
C LEU A 124 -30.16 -6.02 20.38
N ASN A 125 -31.24 -5.41 20.88
CA ASN A 125 -31.09 -4.23 21.73
C ASN A 125 -30.37 -4.58 23.02
N ARG A 126 -30.62 -5.80 23.50
CA ARG A 126 -29.98 -6.28 24.74
C ARG A 126 -28.47 -6.45 24.53
N LEU A 127 -28.07 -6.97 23.38
CA LEU A 127 -26.64 -7.12 23.12
C LEU A 127 -26.00 -5.72 23.05
N HIS A 128 -26.67 -4.81 22.36
CA HIS A 128 -26.16 -3.45 22.18
C HIS A 128 -26.05 -2.77 23.56
N ASP A 129 -27.06 -2.93 24.40
CA ASP A 129 -27.05 -2.35 25.75
C ASP A 129 -25.88 -2.87 26.60
N ARG A 130 -25.67 -4.18 26.61
N ARG A 130 -25.63 -4.17 26.56
CA ARG A 130 -24.56 -4.78 27.34
CA ARG A 130 -24.54 -4.74 27.33
C ARG A 130 -23.20 -4.33 26.80
C ARG A 130 -23.20 -4.32 26.80
N LEU A 131 -23.07 -4.22 25.48
CA LEU A 131 -21.82 -3.78 24.86
C LEU A 131 -21.50 -2.34 25.32
N ARG A 132 -22.54 -1.51 25.38
CA ARG A 132 -22.41 -0.12 25.80
C ARG A 132 -22.08 -0.04 27.28
N GLU A 133 -22.79 -0.81 28.09
N GLU A 133 -22.79 -0.81 28.09
CA GLU A 133 -22.56 -0.82 29.53
CA GLU A 133 -22.54 -0.81 29.54
C GLU A 133 -21.11 -1.22 29.82
C GLU A 133 -21.11 -1.22 29.82
N GLY A 134 -20.64 -2.26 29.15
CA GLY A 134 -19.29 -2.74 29.32
C GLY A 134 -18.29 -1.68 28.90
N HIS A 135 -18.57 -1.02 27.78
CA HIS A 135 -17.69 0.03 27.28
C HIS A 135 -17.54 1.17 28.28
N SER A 136 -18.66 1.63 28.82
CA SER A 136 -18.65 2.74 29.78
C SER A 136 -17.89 2.38 31.07
N ARG A 137 -18.06 1.16 31.55
CA ARG A 137 -17.37 0.74 32.77
C ARG A 137 -15.87 0.59 32.59
N LEU A 138 -15.46 0.11 31.43
CA LEU A 138 -14.03 -0.16 31.19
C LEU A 138 -13.14 0.95 30.65
N VAL A 139 -13.65 1.78 29.74
CA VAL A 139 -12.83 2.85 29.16
C VAL A 139 -12.06 3.66 30.22
N PRO A 140 -12.72 4.05 31.32
CA PRO A 140 -11.98 4.83 32.33
C PRO A 140 -10.77 4.09 32.92
N LEU A 141 -10.81 2.76 32.97
CA LEU A 141 -9.71 1.97 33.53
C LEU A 141 -8.49 1.91 32.60
N LEU A 142 -8.71 2.20 31.33
CA LEU A 142 -7.64 2.16 30.34
C LEU A 142 -6.99 3.52 30.12
N GLU A 143 -6.93 4.35 31.16
CA GLU A 143 -6.35 5.70 31.09
C GLU A 143 -5.99 6.12 29.66
N LEU B 79 -35.76 1.63 24.03
CA LEU B 79 -34.32 1.98 24.00
C LEU B 79 -33.98 3.00 25.07
N PRO B 80 -32.86 2.79 25.81
CA PRO B 80 -32.49 3.77 26.83
C PRO B 80 -32.03 5.10 26.22
N GLU B 81 -32.13 6.16 27.02
CA GLU B 81 -31.73 7.52 26.63
C GLU B 81 -30.48 7.60 25.76
N SER B 82 -29.41 7.02 26.26
CA SER B 82 -28.12 7.04 25.59
C SER B 82 -28.13 6.56 24.13
N VAL B 83 -29.04 5.66 23.75
CA VAL B 83 -29.08 5.16 22.37
C VAL B 83 -30.36 5.61 21.66
N SER B 84 -30.67 6.90 21.75
CA SER B 84 -31.87 7.44 21.11
C SER B 84 -31.67 7.72 19.64
N ASP B 85 -30.60 8.42 19.30
CA ASP B 85 -30.31 8.74 17.92
C ASP B 85 -29.12 7.93 17.43
N VAL B 86 -29.23 7.40 16.21
CA VAL B 86 -28.16 6.59 15.62
C VAL B 86 -28.08 6.81 14.11
N ARG B 87 -26.87 7.05 13.62
CA ARG B 87 -26.64 7.23 12.19
C ARG B 87 -25.49 6.34 11.77
N PHE B 88 -25.36 6.08 10.46
CA PHE B 88 -24.26 5.27 9.99
C PHE B 88 -23.05 6.18 10.13
N SER B 89 -21.95 5.67 10.64
CA SER B 89 -20.76 6.51 10.79
C SER B 89 -19.94 6.66 9.50
N SER B 90 -20.27 5.86 8.50
N SER B 90 -20.28 5.85 8.50
CA SER B 90 -19.62 5.94 7.20
CA SER B 90 -19.64 5.84 7.19
C SER B 90 -20.78 6.10 6.22
C SER B 90 -20.79 6.04 6.20
N PRO B 91 -20.51 6.66 5.03
CA PRO B 91 -21.60 6.86 4.08
C PRO B 91 -22.31 5.59 3.62
N GLN B 92 -23.63 5.61 3.65
CA GLN B 92 -24.43 4.49 3.20
C GLN B 92 -25.60 5.02 2.39
N GLY B 93 -25.77 4.49 1.19
CA GLY B 93 -26.88 4.94 0.37
C GLY B 93 -28.19 4.53 1.04
N GLN B 94 -29.16 5.45 1.02
CA GLN B 94 -30.48 5.18 1.59
C GLN B 94 -31.54 5.53 0.55
N GLY B 95 -32.55 4.68 0.45
CA GLY B 95 -33.63 4.90 -0.50
C GLY B 95 -33.23 4.56 -1.92
N GLU B 96 -33.95 5.11 -2.88
CA GLU B 96 -33.63 4.82 -4.25
C GLU B 96 -32.48 5.67 -4.73
N SER B 97 -31.81 5.20 -5.78
CA SER B 97 -30.73 5.94 -6.38
C SER B 97 -31.06 6.23 -7.82
N ARG B 98 -30.40 7.25 -8.34
CA ARG B 98 -30.49 7.59 -9.75
C ARG B 98 -29.05 7.49 -10.26
N THR B 99 -28.91 7.13 -11.53
CA THR B 99 -27.60 6.99 -12.14
C THR B 99 -27.26 8.28 -12.84
N LEU B 100 -26.23 8.94 -12.34
CA LEU B 100 -25.78 10.23 -12.86
C LEU B 100 -24.92 10.14 -14.10
N THR B 101 -24.18 9.03 -14.21
CA THR B 101 -23.37 8.80 -15.37
C THR B 101 -23.25 7.28 -15.45
N ASP B 102 -23.29 6.75 -16.67
CA ASP B 102 -23.22 5.31 -16.92
C ASP B 102 -22.02 4.90 -17.78
N SER B 103 -21.10 4.16 -17.18
CA SER B 103 -19.92 3.69 -17.88
C SER B 103 -19.21 4.74 -18.74
N ALA B 104 -18.82 5.84 -18.11
CA ALA B 104 -18.14 6.90 -18.84
C ALA B 104 -16.64 6.65 -19.01
N GLY B 105 -16.17 6.80 -20.23
CA GLY B 105 -14.76 6.65 -20.54
C GLY B 105 -14.18 5.25 -20.41
N PRO B 106 -12.85 5.15 -20.60
CA PRO B 106 -12.05 3.92 -20.54
C PRO B 106 -12.15 3.17 -19.23
N ARG B 107 -12.33 3.88 -18.13
CA ARG B 107 -12.47 3.25 -16.82
C ARG B 107 -13.93 2.88 -16.49
N GLN B 108 -14.83 3.09 -17.44
CA GLN B 108 -16.22 2.71 -17.26
C GLN B 108 -16.83 3.22 -15.96
N ILE B 109 -16.67 4.53 -15.75
CA ILE B 109 -17.15 5.20 -14.56
C ILE B 109 -18.65 5.33 -14.49
N THR B 110 -19.20 4.78 -13.41
CA THR B 110 -20.60 4.84 -13.12
C THR B 110 -20.79 5.52 -11.76
N LEU B 111 -21.66 6.51 -11.72
CA LEU B 111 -21.98 7.24 -10.50
C LEU B 111 -23.48 7.12 -10.21
N ARG B 112 -23.81 6.66 -9.02
CA ARG B 112 -25.19 6.54 -8.56
C ARG B 112 -25.34 7.39 -7.31
N GLN B 113 -26.42 8.13 -7.20
CA GLN B 113 -26.67 8.98 -6.04
C GLN B 113 -28.02 8.65 -5.41
N PHE B 114 -28.01 8.54 -4.09
CA PHE B 114 -29.18 8.17 -3.30
C PHE B 114 -29.99 9.34 -2.76
N GLU B 115 -31.12 9.02 -2.14
CA GLU B 115 -32.05 10.02 -1.60
C GLU B 115 -31.43 10.91 -0.53
N ASN B 116 -30.36 10.43 0.09
CA ASN B 116 -29.66 11.18 1.12
C ASN B 116 -28.38 11.80 0.58
N GLY B 117 -28.22 11.85 -0.74
CA GLY B 117 -27.02 12.46 -1.31
C GLY B 117 -25.77 11.57 -1.41
N VAL B 118 -25.76 10.43 -0.73
CA VAL B 118 -24.64 9.52 -0.77
C VAL B 118 -24.43 9.13 -2.22
N THR B 119 -23.16 9.15 -2.63
CA THR B 119 -22.79 8.84 -3.99
C THR B 119 -21.90 7.61 -4.07
N GLU B 120 -22.29 6.68 -4.94
CA GLU B 120 -21.53 5.45 -5.13
C GLU B 120 -20.81 5.52 -6.46
N LEU B 121 -19.51 5.27 -6.44
CA LEU B 121 -18.70 5.27 -7.64
C LEU B 121 -18.34 3.83 -7.97
N GLN B 122 -18.56 3.44 -9.22
CA GLN B 122 -18.21 2.11 -9.68
C GLN B 122 -17.35 2.32 -10.93
N LEU B 123 -16.23 1.60 -11.04
CA LEU B 123 -15.37 1.73 -12.19
C LEU B 123 -14.58 0.44 -12.37
N SER B 124 -13.90 0.32 -13.51
CA SER B 124 -13.12 -0.86 -13.80
C SER B 124 -11.93 -0.96 -12.86
N ARG B 125 -11.28 -2.12 -12.86
CA ARG B 125 -10.09 -2.30 -12.05
C ARG B 125 -9.04 -1.35 -12.64
N PRO B 126 -8.10 -0.91 -11.82
CA PRO B 126 -7.06 -0.01 -12.34
C PRO B 126 -6.08 -0.74 -13.28
N PRO B 127 -5.33 0.02 -14.10
CA PRO B 127 -4.38 -0.59 -15.04
C PRO B 127 -3.43 -1.58 -14.39
N LEU B 128 -3.21 -2.68 -15.07
CA LEU B 128 -2.31 -3.73 -14.61
C LEU B 128 -0.91 -3.25 -14.98
N THR B 129 -0.23 -2.63 -14.04
CA THR B 129 1.11 -2.10 -14.31
C THR B 129 2.26 -2.76 -13.58
N SER B 130 1.94 -3.70 -12.70
CA SER B 130 2.95 -4.37 -11.90
C SER B 130 2.89 -5.90 -11.96
N LEU B 131 4.03 -6.50 -12.25
CA LEU B 131 4.16 -7.96 -12.29
C LEU B 131 5.03 -8.32 -11.08
N VAL B 132 4.54 -9.23 -10.25
CA VAL B 132 5.25 -9.65 -9.05
C VAL B 132 5.55 -11.14 -9.06
N LEU B 133 6.83 -11.49 -9.01
CA LEU B 133 7.26 -12.89 -9.04
C LEU B 133 7.70 -13.30 -7.65
N SER B 134 6.84 -14.02 -6.96
CA SER B 134 7.10 -14.45 -5.61
C SER B 134 7.91 -15.75 -5.60
N GLY B 135 9.20 -15.64 -5.29
CA GLY B 135 10.07 -16.80 -5.27
C GLY B 135 10.49 -17.17 -6.68
N GLY B 136 11.33 -18.18 -6.80
CA GLY B 136 11.79 -18.62 -8.11
C GLY B 136 12.43 -19.98 -8.03
N GLY B 137 13.55 -20.13 -8.74
CA GLY B 137 14.27 -21.39 -8.75
C GLY B 137 13.68 -22.34 -9.78
N ALA B 138 14.00 -23.62 -9.61
CA ALA B 138 13.53 -24.68 -10.51
C ALA B 138 12.04 -24.59 -10.83
N LYS B 139 11.22 -24.33 -9.81
CA LYS B 139 9.78 -24.24 -10.01
C LYS B 139 9.38 -23.16 -11.03
N GLY B 140 10.27 -22.23 -11.34
CA GLY B 140 9.97 -21.16 -12.29
C GLY B 140 9.93 -21.55 -13.76
N ALA B 141 10.01 -22.84 -14.06
CA ALA B 141 9.97 -23.32 -15.45
C ALA B 141 8.70 -22.94 -16.17
N ALA B 142 7.63 -22.74 -15.41
CA ALA B 142 6.34 -22.37 -15.98
C ALA B 142 6.25 -20.89 -16.35
N TYR B 143 7.07 -20.05 -15.72
CA TYR B 143 7.03 -18.61 -15.98
C TYR B 143 6.87 -18.11 -17.42
N PRO B 144 7.58 -18.70 -18.39
CA PRO B 144 7.41 -18.23 -19.76
C PRO B 144 5.96 -18.21 -20.24
N GLY B 145 5.13 -19.13 -19.73
CA GLY B 145 3.72 -19.18 -20.11
C GLY B 145 2.96 -17.94 -19.68
N ALA B 146 3.35 -17.36 -18.55
CA ALA B 146 2.68 -16.16 -18.06
C ALA B 146 3.00 -14.97 -18.96
N MET B 147 4.22 -14.91 -19.44
CA MET B 147 4.63 -13.79 -20.28
C MET B 147 3.95 -13.93 -21.64
N LEU B 148 3.84 -15.17 -22.14
CA LEU B 148 3.17 -15.40 -23.42
C LEU B 148 1.72 -14.97 -23.32
N ALA B 149 1.08 -15.23 -22.17
CA ALA B 149 -0.31 -14.86 -21.95
C ALA B 149 -0.46 -13.34 -21.96
N LEU B 150 0.45 -12.64 -21.28
CA LEU B 150 0.41 -11.19 -21.24
C LEU B 150 0.55 -10.61 -22.65
N GLU B 151 1.47 -11.18 -23.44
CA GLU B 151 1.70 -10.74 -24.81
C GLU B 151 0.48 -11.05 -25.68
N GLU B 152 -0.09 -12.23 -25.51
CA GLU B 152 -1.26 -12.65 -26.26
C GLU B 152 -2.43 -11.70 -26.05
N LYS B 153 -2.58 -11.20 -24.83
CA LYS B 153 -3.67 -10.27 -24.51
C LYS B 153 -3.29 -8.81 -24.71
N GLY B 154 -2.12 -8.56 -25.27
CA GLY B 154 -1.64 -7.20 -25.52
C GLY B 154 -1.47 -6.41 -24.23
N MET B 155 -1.04 -7.07 -23.16
CA MET B 155 -0.87 -6.40 -21.88
C MET B 155 0.55 -6.32 -21.32
N LEU B 156 1.52 -6.78 -22.08
CA LEU B 156 2.89 -6.74 -21.60
C LEU B 156 3.43 -5.30 -21.62
N ASP B 157 3.14 -4.56 -22.68
CA ASP B 157 3.62 -3.18 -22.77
C ASP B 157 3.05 -2.33 -21.63
N GLY B 158 1.86 -2.69 -21.16
CA GLY B 158 1.19 -1.95 -20.06
C GLY B 158 1.85 -2.14 -18.71
N ILE B 159 2.66 -3.19 -18.59
CA ILE B 159 3.39 -3.44 -17.34
C ILE B 159 4.48 -2.38 -17.29
N ARG B 160 4.57 -1.67 -16.17
CA ARG B 160 5.57 -0.60 -15.98
C ARG B 160 6.69 -1.06 -15.07
N SER B 161 6.36 -1.94 -14.12
CA SER B 161 7.34 -2.43 -13.16
C SER B 161 7.32 -3.95 -12.94
N MET B 162 8.51 -4.49 -12.69
CA MET B 162 8.72 -5.93 -12.42
C MET B 162 9.28 -6.02 -11.02
N SER B 163 8.74 -6.92 -10.21
CA SER B 163 9.22 -7.12 -8.86
C SER B 163 9.43 -8.62 -8.65
N GLY B 164 10.54 -8.98 -8.00
CA GLY B 164 10.82 -10.39 -7.75
C GLY B 164 11.46 -10.58 -6.40
N SER B 165 11.04 -11.62 -5.68
CA SER B 165 11.59 -11.93 -4.37
C SER B 165 12.48 -13.16 -4.47
N SER B 166 13.55 -13.17 -3.68
CA SER B 166 14.50 -14.27 -3.66
C SER B 166 14.91 -14.62 -5.09
N ALA B 167 14.72 -15.88 -5.49
CA ALA B 167 15.09 -16.30 -6.84
C ALA B 167 14.22 -15.66 -7.94
N GLY B 168 13.05 -15.14 -7.57
CA GLY B 168 12.18 -14.50 -8.56
C GLY B 168 12.84 -13.26 -9.19
N GLY B 169 13.85 -12.73 -8.51
CA GLY B 169 14.56 -11.55 -8.98
C GLY B 169 15.27 -11.82 -10.29
N ILE B 170 15.73 -13.06 -10.47
CA ILE B 170 16.41 -13.47 -11.69
C ILE B 170 15.48 -13.27 -12.89
N THR B 171 14.27 -13.78 -12.78
CA THR B 171 13.30 -13.66 -13.84
C THR B 171 12.86 -12.22 -14.04
N ALA B 172 12.64 -11.51 -12.93
CA ALA B 172 12.21 -10.13 -12.99
C ALA B 172 13.25 -9.30 -13.72
N ALA B 173 14.53 -9.52 -13.42
CA ALA B 173 15.60 -8.76 -14.06
C ALA B 173 15.63 -8.98 -15.58
N LEU B 174 15.48 -10.23 -16.02
CA LEU B 174 15.49 -10.57 -17.45
C LEU B 174 14.33 -9.90 -18.19
N LEU B 175 13.14 -10.01 -17.61
CA LEU B 175 11.96 -9.41 -18.21
C LEU B 175 11.99 -7.90 -18.18
N ALA B 176 12.45 -7.33 -17.08
CA ALA B 176 12.54 -5.88 -16.97
C ALA B 176 13.50 -5.29 -18.01
N SER B 177 14.53 -6.05 -18.39
N SER B 177 14.52 -6.06 -18.39
CA SER B 177 15.52 -5.58 -19.35
CA SER B 177 15.51 -5.58 -19.35
C SER B 177 14.99 -5.50 -20.78
C SER B 177 15.01 -5.54 -20.79
N GLY B 178 13.77 -5.99 -21.00
CA GLY B 178 13.17 -5.96 -22.30
C GLY B 178 13.20 -7.23 -23.13
N MET B 179 13.55 -8.37 -22.55
CA MET B 179 13.54 -9.60 -23.33
C MET B 179 12.12 -9.91 -23.79
N SER B 180 11.96 -10.37 -25.03
CA SER B 180 10.64 -10.73 -25.53
C SER B 180 10.20 -12.03 -24.87
N PRO B 181 8.88 -12.27 -24.86
CA PRO B 181 8.42 -13.53 -24.28
C PRO B 181 9.05 -14.74 -25.00
N ALA B 182 9.18 -14.65 -26.32
CA ALA B 182 9.78 -15.72 -27.10
C ALA B 182 11.23 -15.94 -26.71
N ALA B 183 12.00 -14.85 -26.64
CA ALA B 183 13.41 -14.94 -26.27
C ALA B 183 13.56 -15.48 -24.85
N PHE B 184 12.72 -14.98 -23.94
CA PHE B 184 12.78 -15.42 -22.55
C PHE B 184 12.49 -16.92 -22.42
N LYS B 185 11.51 -17.41 -23.17
CA LYS B 185 11.19 -18.84 -23.12
C LYS B 185 12.41 -19.67 -23.54
N THR B 186 13.02 -19.27 -24.66
CA THR B 186 14.19 -19.97 -25.17
C THR B 186 15.28 -20.00 -24.11
N LEU B 187 15.58 -18.83 -23.53
CA LEU B 187 16.60 -18.74 -22.50
C LEU B 187 16.23 -19.57 -21.28
N SER B 188 15.02 -19.38 -20.78
CA SER B 188 14.55 -20.13 -19.60
C SER B 188 14.65 -21.64 -19.82
N ASP B 189 14.25 -22.10 -21.00
CA ASP B 189 14.29 -23.53 -21.31
C ASP B 189 15.71 -24.13 -21.34
N LYS B 190 16.68 -23.45 -21.92
CA LYS B 190 18.04 -24.01 -21.96
C LYS B 190 18.95 -23.43 -20.88
N MET B 191 18.34 -22.80 -19.88
CA MET B 191 19.07 -22.24 -18.77
C MET B 191 18.79 -23.23 -17.64
N ASP B 192 19.83 -23.72 -16.99
CA ASP B 192 19.63 -24.68 -15.90
C ASP B 192 19.79 -23.89 -14.61
N LEU B 193 18.66 -23.39 -14.09
CA LEU B 193 18.67 -22.58 -12.88
C LEU B 193 19.08 -23.35 -11.62
N ILE B 194 18.82 -24.65 -11.58
CA ILE B 194 19.20 -25.46 -10.42
C ILE B 194 20.72 -25.54 -10.33
N SER B 195 21.33 -25.80 -11.49
CA SER B 195 22.78 -25.89 -11.57
C SER B 195 23.43 -24.55 -11.29
N LEU B 196 22.90 -23.48 -11.90
CA LEU B 196 23.45 -22.14 -11.71
C LEU B 196 23.38 -21.70 -10.24
N LEU B 197 22.25 -21.94 -9.58
CA LEU B 197 22.09 -21.57 -8.17
C LEU B 197 22.95 -22.42 -7.26
N ASP B 198 22.91 -23.74 -7.44
CA ASP B 198 23.70 -24.64 -6.61
C ASP B 198 25.18 -24.26 -6.70
N SER B 199 25.65 -24.06 -7.93
CA SER B 199 27.04 -23.71 -8.18
C SER B 199 27.47 -22.50 -7.36
N SER B 200 26.66 -21.44 -7.35
CA SER B 200 26.97 -20.22 -6.59
C SER B 200 27.90 -20.59 -5.45
N ASN B 201 29.21 -20.44 -5.71
CA ASN B 201 30.25 -20.78 -4.75
C ASN B 201 30.29 -19.89 -3.50
N LYS B 202 29.64 -20.38 -2.44
CA LYS B 202 29.53 -19.70 -1.15
C LYS B 202 29.51 -18.17 -1.13
N LYS B 203 28.31 -17.62 -1.19
CA LYS B 203 28.11 -16.17 -1.12
C LYS B 203 27.71 -15.84 0.31
N LEU B 204 28.36 -16.57 1.23
CA LEU B 204 28.18 -16.44 2.66
C LEU B 204 29.32 -15.58 3.19
N LYS B 205 30.14 -15.07 2.27
CA LYS B 205 31.25 -14.20 2.63
C LYS B 205 30.58 -12.90 3.07
N LEU B 206 29.38 -12.67 2.53
CA LEU B 206 28.60 -11.50 2.86
C LEU B 206 28.32 -11.51 4.36
N PHE B 207 27.75 -12.61 4.84
CA PHE B 207 27.44 -12.77 6.26
C PHE B 207 28.68 -12.45 7.10
N GLN B 208 29.84 -12.94 6.67
CA GLN B 208 31.09 -12.69 7.40
C GLN B 208 31.54 -11.23 7.36
N HIS B 209 31.52 -10.61 6.19
CA HIS B 209 31.93 -9.19 6.12
C HIS B 209 31.04 -8.28 6.94
N ILE B 210 29.79 -8.67 7.16
CA ILE B 210 28.86 -7.86 7.94
C ILE B 210 29.25 -7.88 9.43
N SER B 211 30.41 -8.46 9.74
CA SER B 211 30.89 -8.52 11.12
C SER B 211 31.36 -7.12 11.51
N SER B 212 32.01 -6.45 10.57
CA SER B 212 32.52 -5.09 10.77
C SER B 212 31.69 -4.12 9.93
N GLY B 228 20.43 0.41 8.90
CA GLY B 228 21.18 -0.62 9.60
C GLY B 228 21.71 -1.70 8.68
N PHE B 229 21.40 -2.96 8.99
CA PHE B 229 21.83 -4.12 8.22
C PHE B 229 21.87 -3.93 6.70
N SER B 230 20.72 -3.62 6.11
CA SER B 230 20.63 -3.42 4.67
C SER B 230 21.73 -2.48 4.16
N GLU B 231 22.03 -1.43 4.92
CA GLU B 231 23.07 -0.49 4.52
C GLU B 231 24.47 -1.07 4.73
N LEU B 232 24.59 -1.99 5.68
CA LEU B 232 25.89 -2.62 5.94
C LEU B 232 26.20 -3.59 4.81
N LEU B 233 25.17 -4.29 4.34
CA LEU B 233 25.33 -5.25 3.26
C LEU B 233 25.81 -4.57 1.99
N LEU B 234 25.21 -3.43 1.67
CA LEU B 234 25.58 -2.67 0.48
C LEU B 234 27.03 -2.20 0.58
N ASN B 235 27.42 -1.70 1.75
CA ASN B 235 28.77 -1.22 1.98
C ASN B 235 29.87 -2.28 1.90
N VAL B 236 29.50 -3.56 1.94
CA VAL B 236 30.49 -4.63 1.88
C VAL B 236 30.61 -5.31 0.52
N LEU B 237 29.71 -5.00 -0.41
CA LEU B 237 29.76 -5.63 -1.74
C LEU B 237 31.08 -5.38 -2.48
N PRO B 238 31.63 -4.15 -2.39
CA PRO B 238 32.89 -3.87 -3.08
C PRO B 238 34.05 -4.81 -2.69
N ARG B 239 34.04 -5.32 -1.47
CA ARG B 239 35.11 -6.24 -1.04
C ARG B 239 34.73 -7.71 -1.29
N ILE B 240 33.80 -7.91 -2.22
CA ILE B 240 33.31 -9.24 -2.61
C ILE B 240 33.37 -9.27 -4.14
N ASP B 241 33.82 -10.38 -4.71
CA ASP B 241 33.94 -10.50 -6.16
C ASP B 241 33.13 -11.67 -6.70
N SER B 242 31.90 -11.38 -7.15
CA SER B 242 31.02 -12.40 -7.67
C SER B 242 30.68 -12.13 -9.12
N ARG B 243 31.33 -11.14 -9.70
CA ARG B 243 31.04 -10.72 -11.06
C ARG B 243 31.25 -11.78 -12.14
N ALA B 244 32.22 -12.67 -11.91
CA ALA B 244 32.50 -13.73 -12.86
C ALA B 244 31.73 -15.04 -12.60
N GLU B 245 30.95 -15.13 -11.52
CA GLU B 245 30.19 -16.35 -11.27
C GLU B 245 29.24 -16.55 -12.47
N PRO B 246 29.18 -17.77 -13.02
CA PRO B 246 28.35 -18.09 -14.19
C PRO B 246 26.94 -17.52 -14.18
N LEU B 247 26.23 -17.59 -13.06
CA LEU B 247 24.87 -17.06 -13.00
C LEU B 247 24.85 -15.55 -13.22
N GLU B 248 25.78 -14.84 -12.59
CA GLU B 248 25.84 -13.40 -12.70
C GLU B 248 26.30 -12.96 -14.09
N ARG B 249 27.28 -13.66 -14.65
CA ARG B 249 27.79 -13.37 -15.99
C ARG B 249 26.67 -13.52 -17.00
N LEU B 250 25.90 -14.59 -16.85
CA LEU B 250 24.78 -14.87 -17.73
C LEU B 250 23.74 -13.76 -17.65
N LEU B 251 23.33 -13.42 -16.43
CA LEU B 251 22.34 -12.37 -16.25
C LEU B 251 22.85 -11.04 -16.78
N ARG B 252 24.11 -10.73 -16.51
CA ARG B 252 24.67 -9.48 -16.97
C ARG B 252 24.68 -9.41 -18.50
N ASP B 253 25.05 -10.50 -19.15
CA ASP B 253 25.08 -10.52 -20.60
C ASP B 253 23.71 -10.49 -21.25
N GLU B 254 22.76 -11.27 -20.73
CA GLU B 254 21.42 -11.30 -21.30
C GLU B 254 20.64 -9.98 -21.08
N THR B 255 20.76 -9.39 -19.90
CA THR B 255 20.07 -8.13 -19.62
C THR B 255 20.66 -7.01 -20.46
N ARG B 256 21.98 -7.01 -20.60
CA ARG B 256 22.61 -5.99 -21.43
C ARG B 256 22.18 -6.12 -22.90
N LYS B 257 22.19 -7.33 -23.42
CA LYS B 257 21.79 -7.56 -24.80
C LYS B 257 20.35 -7.08 -25.02
N ALA B 258 19.43 -7.43 -24.11
CA ALA B 258 18.04 -7.02 -24.23
C ALA B 258 17.91 -5.50 -24.23
N VAL B 259 18.56 -4.83 -23.29
CA VAL B 259 18.50 -3.38 -23.21
C VAL B 259 19.08 -2.72 -24.45
N LEU B 260 20.24 -3.17 -24.90
CA LEU B 260 20.85 -2.60 -26.09
C LEU B 260 19.99 -2.78 -27.33
N GLY B 261 19.32 -3.93 -27.42
CA GLY B 261 18.43 -4.22 -28.53
C GLY B 261 17.22 -3.29 -28.55
N GLN B 262 16.65 -3.01 -27.37
CA GLN B 262 15.50 -2.10 -27.27
C GLN B 262 15.94 -0.70 -27.67
N ILE B 263 17.09 -0.27 -27.16
CA ILE B 263 17.60 1.04 -27.50
C ILE B 263 17.79 1.17 -29.02
N ALA B 264 18.44 0.19 -29.61
CA ALA B 264 18.71 0.19 -31.04
C ALA B 264 17.45 0.22 -31.91
N THR B 265 16.35 -0.37 -31.44
N THR B 265 16.36 -0.36 -31.40
CA THR B 265 15.11 -0.36 -32.23
CA THR B 265 15.07 -0.41 -32.09
C THR B 265 14.33 0.95 -32.12
C THR B 265 14.33 0.92 -32.08
N HIS B 266 14.78 1.85 -31.24
CA HIS B 266 14.14 3.16 -31.07
C HIS B 266 15.22 4.23 -31.32
N PRO B 267 15.56 4.47 -32.59
CA PRO B 267 16.62 5.44 -32.93
C PRO B 267 16.44 6.85 -32.36
N GLU B 268 15.21 7.33 -32.24
CA GLU B 268 14.99 8.67 -31.68
C GLU B 268 15.41 8.70 -30.22
N VAL B 269 15.24 7.58 -29.55
CA VAL B 269 15.64 7.45 -28.16
C VAL B 269 17.14 7.25 -28.07
N ALA B 270 17.66 6.36 -28.91
CA ALA B 270 19.09 6.04 -28.94
C ALA B 270 20.02 7.24 -29.07
N ARG B 271 19.60 8.26 -29.84
CA ARG B 271 20.42 9.45 -30.04
C ARG B 271 20.34 10.51 -28.92
N GLN B 272 19.48 10.30 -27.92
CA GLN B 272 19.35 11.24 -26.81
C GLN B 272 20.62 11.09 -25.95
N PRO B 273 21.22 12.21 -25.55
CA PRO B 273 22.48 12.12 -24.79
C PRO B 273 22.50 11.19 -23.58
N THR B 274 21.48 11.23 -22.74
CA THR B 274 21.50 10.35 -21.56
C THR B 274 21.48 8.88 -21.93
N VAL B 275 20.75 8.56 -23.00
CA VAL B 275 20.64 7.21 -23.48
C VAL B 275 21.93 6.77 -24.16
N ALA B 276 22.53 7.65 -24.97
CA ALA B 276 23.79 7.35 -25.63
C ALA B 276 24.87 7.09 -24.57
N ALA B 277 24.83 7.81 -23.45
CA ALA B 277 25.81 7.61 -22.38
C ALA B 277 25.63 6.21 -21.78
N ILE B 278 24.38 5.84 -21.55
CA ILE B 278 24.09 4.52 -21.00
C ILE B 278 24.58 3.43 -21.96
N ALA B 279 24.27 3.57 -23.25
CA ALA B 279 24.66 2.57 -24.22
C ALA B 279 26.17 2.41 -24.28
N SER B 280 26.88 3.52 -24.30
N SER B 280 26.91 3.51 -24.34
CA SER B 280 28.34 3.52 -24.34
CA SER B 280 28.37 3.38 -24.41
C SER B 280 28.93 2.78 -23.14
C SER B 280 28.94 2.75 -23.13
N ARG B 281 28.36 3.03 -21.97
CA ARG B 281 28.84 2.43 -20.73
C ARG B 281 28.64 0.90 -20.83
N LEU B 282 27.45 0.48 -21.27
CA LEU B 282 27.16 -0.95 -21.42
C LEU B 282 28.08 -1.60 -22.46
N GLN B 283 28.32 -0.92 -23.58
N GLN B 283 28.34 -0.90 -23.56
CA GLN B 283 29.20 -1.45 -24.63
CA GLN B 283 29.20 -1.43 -24.61
C GLN B 283 30.63 -1.60 -24.11
C GLN B 283 30.66 -1.55 -24.16
N SER B 284 31.01 -0.84 -23.08
CA SER B 284 32.37 -0.90 -22.54
C SER B 284 32.50 -2.06 -21.57
N GLY B 285 31.40 -2.77 -21.29
CA GLY B 285 31.49 -3.91 -20.38
C GLY B 285 30.71 -3.81 -19.10
N SER B 286 30.19 -2.61 -18.79
N SER B 286 30.19 -2.61 -18.81
CA SER B 286 29.42 -2.41 -17.59
CA SER B 286 29.41 -2.40 -17.60
C SER B 286 28.08 -3.14 -17.72
C SER B 286 28.07 -3.13 -17.72
N GLY B 287 27.44 -3.40 -16.59
CA GLY B 287 26.15 -4.06 -16.58
C GLY B 287 25.02 -3.06 -16.41
N VAL B 288 23.81 -3.48 -16.73
CA VAL B 288 22.62 -2.65 -16.59
C VAL B 288 22.38 -2.41 -15.09
N THR B 289 22.09 -1.17 -14.72
CA THR B 289 21.83 -0.85 -13.31
C THR B 289 20.33 -0.56 -13.09
N PHE B 290 19.91 -0.45 -11.83
CA PHE B 290 18.51 -0.14 -11.54
C PHE B 290 18.20 1.26 -12.09
N GLY B 291 19.17 2.16 -12.00
CA GLY B 291 19.01 3.53 -12.49
C GLY B 291 18.86 3.55 -14.01
N ASP B 292 19.63 2.71 -14.70
CA ASP B 292 19.54 2.63 -16.17
C ASP B 292 18.13 2.22 -16.55
N LEU B 293 17.58 1.22 -15.87
CA LEU B 293 16.23 0.76 -16.19
C LEU B 293 15.20 1.85 -15.96
N ASP B 294 15.34 2.56 -14.85
CA ASP B 294 14.41 3.63 -14.53
C ASP B 294 14.45 4.71 -15.62
N ARG B 295 15.65 5.14 -16.02
CA ARG B 295 15.77 6.17 -17.04
C ARG B 295 15.24 5.71 -18.40
N LEU B 296 15.56 4.49 -18.80
CA LEU B 296 15.12 3.98 -20.09
C LEU B 296 13.64 3.64 -20.17
N SER B 297 13.06 3.18 -19.06
CA SER B 297 11.64 2.83 -19.03
C SER B 297 10.78 4.04 -19.35
N ALA B 298 11.26 5.23 -19.03
CA ALA B 298 10.53 6.47 -19.31
C ALA B 298 10.46 6.72 -20.82
N TYR B 299 11.43 6.18 -21.55
CA TYR B 299 11.43 6.33 -23.00
C TYR B 299 10.86 5.17 -23.79
N ILE B 300 11.15 3.95 -23.33
CA ILE B 300 10.75 2.73 -24.01
C ILE B 300 9.83 1.87 -23.16
N PRO B 301 8.57 1.71 -23.59
CA PRO B 301 7.60 0.92 -22.83
C PRO B 301 8.01 -0.53 -22.55
N GLN B 302 8.82 -1.08 -23.44
CA GLN B 302 9.28 -2.46 -23.31
C GLN B 302 10.28 -2.69 -22.17
N ILE B 303 10.91 -1.63 -21.69
CA ILE B 303 11.86 -1.73 -20.57
C ILE B 303 11.07 -1.34 -19.31
N LYS B 304 11.22 -2.10 -18.23
CA LYS B 304 10.49 -1.84 -17.02
C LYS B 304 11.40 -1.54 -15.83
N THR B 305 10.85 -0.86 -14.82
CA THR B 305 11.61 -0.59 -13.61
C THR B 305 11.66 -1.94 -12.92
N LEU B 306 12.68 -2.12 -12.06
CA LEU B 306 12.91 -3.37 -11.38
C LEU B 306 13.08 -3.23 -9.88
N ASN B 307 12.42 -4.14 -9.17
CA ASN B 307 12.50 -4.22 -7.72
C ASN B 307 12.85 -5.66 -7.36
N ILE B 308 13.94 -5.85 -6.62
CA ILE B 308 14.36 -7.17 -6.15
C ILE B 308 14.45 -7.10 -4.63
N THR B 309 13.75 -8.03 -3.97
CA THR B 309 13.73 -8.09 -2.51
C THR B 309 14.06 -9.50 -2.05
N GLY B 310 14.80 -9.58 -0.95
CA GLY B 310 15.16 -10.86 -0.39
C GLY B 310 15.20 -10.72 1.11
N THR B 311 15.23 -11.85 1.82
CA THR B 311 15.32 -11.86 3.26
C THR B 311 16.63 -12.57 3.55
N ALA B 312 17.52 -11.89 4.28
CA ALA B 312 18.82 -12.44 4.63
C ALA B 312 18.88 -12.75 6.12
N MET B 313 19.10 -14.02 6.46
CA MET B 313 19.19 -14.43 7.86
C MET B 313 20.50 -13.94 8.45
N PHE B 314 20.41 -13.14 9.49
CA PHE B 314 21.59 -12.62 10.15
C PHE B 314 21.33 -12.75 11.64
N GLU B 315 22.16 -13.56 12.30
CA GLU B 315 22.03 -13.80 13.73
C GLU B 315 20.66 -14.36 14.09
N GLY B 316 20.16 -15.28 13.27
CA GLY B 316 18.86 -15.92 13.50
C GLY B 316 17.64 -15.08 13.19
N ARG B 317 17.83 -13.87 12.66
CA ARG B 317 16.74 -12.97 12.33
C ARG B 317 16.76 -12.58 10.85
N PRO B 318 15.63 -12.76 10.13
CA PRO B 318 15.55 -12.42 8.72
C PRO B 318 15.52 -10.91 8.52
N GLN B 319 16.38 -10.39 7.66
CA GLN B 319 16.47 -8.97 7.39
C GLN B 319 15.99 -8.76 5.96
N LEU B 320 15.16 -7.75 5.76
N LEU B 320 15.16 -7.74 5.77
CA LEU B 320 14.62 -7.45 4.44
CA LEU B 320 14.67 -7.41 4.43
C LEU B 320 15.67 -6.63 3.67
C LEU B 320 15.75 -6.65 3.69
N VAL B 321 16.07 -7.10 2.49
CA VAL B 321 17.08 -6.43 1.65
C VAL B 321 16.34 -6.03 0.37
N VAL B 322 16.36 -4.74 0.07
CA VAL B 322 15.64 -4.22 -1.09
C VAL B 322 16.56 -3.51 -2.06
N PHE B 323 16.50 -3.94 -3.32
CA PHE B 323 17.28 -3.35 -4.40
C PHE B 323 16.29 -2.73 -5.40
N ASN B 324 16.49 -1.45 -5.71
CA ASN B 324 15.64 -0.72 -6.67
C ASN B 324 16.32 0.59 -7.08
N ALA B 325 15.70 1.38 -7.93
CA ALA B 325 16.32 2.63 -8.38
C ALA B 325 16.46 3.68 -7.28
N SER B 326 15.57 3.64 -6.29
CA SER B 326 15.64 4.62 -5.21
C SER B 326 16.76 4.28 -4.23
N HIS B 327 16.84 3.02 -3.80
CA HIS B 327 17.87 2.64 -2.83
C HIS B 327 19.22 2.30 -3.43
N THR B 328 19.25 1.64 -4.58
CA THR B 328 20.52 1.22 -5.17
C THR B 328 20.58 1.49 -6.68
N PRO B 329 20.48 2.77 -7.07
CA PRO B 329 20.48 3.12 -8.49
C PRO B 329 21.67 2.65 -9.33
N ASP B 330 22.85 2.61 -8.73
CA ASP B 330 24.07 2.25 -9.46
C ASP B 330 24.53 0.80 -9.34
N LEU B 331 23.74 -0.04 -8.68
CA LEU B 331 24.07 -1.44 -8.51
C LEU B 331 23.65 -2.20 -9.77
N GLU B 332 24.49 -3.12 -10.25
CA GLU B 332 24.14 -3.89 -11.44
C GLU B 332 23.01 -4.85 -11.08
N VAL B 333 21.98 -4.91 -11.91
CA VAL B 333 20.84 -5.77 -11.62
C VAL B 333 21.24 -7.25 -11.59
N ALA B 334 22.26 -7.63 -12.34
CA ALA B 334 22.72 -9.02 -12.37
C ALA B 334 23.27 -9.41 -11.00
N GLN B 335 24.05 -8.52 -10.38
CA GLN B 335 24.60 -8.81 -9.06
C GLN B 335 23.48 -8.86 -8.01
N ALA B 336 22.52 -7.95 -8.11
CA ALA B 336 21.42 -7.94 -7.15
C ALA B 336 20.60 -9.23 -7.23
N ALA B 337 20.32 -9.70 -8.45
CA ALA B 337 19.54 -10.93 -8.64
C ALA B 337 20.34 -12.12 -8.13
N HIS B 338 21.64 -12.11 -8.37
CA HIS B 338 22.54 -13.16 -7.93
C HIS B 338 22.57 -13.22 -6.40
N ILE B 339 22.77 -12.07 -5.76
CA ILE B 339 22.82 -12.04 -4.29
C ILE B 339 21.48 -12.46 -3.69
N SER B 340 20.41 -11.88 -4.21
CA SER B 340 19.08 -12.17 -3.71
C SER B 340 18.74 -13.65 -3.84
N GLY B 341 19.17 -14.25 -4.95
CA GLY B 341 18.92 -15.66 -5.19
C GLY B 341 19.77 -16.57 -4.31
N SER B 342 20.87 -16.04 -3.77
CA SER B 342 21.77 -16.84 -2.94
C SER B 342 21.41 -16.91 -1.46
N PHE B 343 20.47 -16.10 -1.01
CA PHE B 343 20.10 -16.14 0.41
C PHE B 343 19.41 -17.47 0.77
N PRO B 344 19.63 -17.96 1.99
CA PRO B 344 19.00 -19.22 2.44
C PRO B 344 17.47 -19.17 2.38
N ILE B 373 11.61 -18.75 5.28
CA ILE B 373 11.71 -17.28 5.34
C ILE B 373 11.44 -16.65 3.97
N ASN B 374 10.23 -16.90 3.45
CA ASN B 374 9.77 -16.40 2.17
C ASN B 374 9.38 -14.92 2.33
N VAL B 375 9.80 -14.06 1.42
CA VAL B 375 9.44 -12.63 1.52
C VAL B 375 7.93 -12.48 1.39
N PRO B 376 7.26 -11.92 2.40
CA PRO B 376 5.81 -11.75 2.27
C PRO B 376 5.48 -10.86 1.06
N VAL B 377 4.51 -11.29 0.26
CA VAL B 377 4.12 -10.53 -0.93
C VAL B 377 3.89 -9.02 -0.67
N PRO B 378 3.19 -8.69 0.42
CA PRO B 378 2.97 -7.25 0.67
C PRO B 378 4.26 -6.41 0.73
N GLU B 379 5.39 -7.02 1.05
CA GLU B 379 6.65 -6.28 1.10
C GLU B 379 7.10 -5.83 -0.29
N MET B 380 6.53 -6.44 -1.33
CA MET B 380 6.88 -6.09 -2.70
C MET B 380 5.87 -5.14 -3.37
N ILE B 381 4.77 -4.87 -2.69
CA ILE B 381 3.74 -3.97 -3.20
C ILE B 381 3.98 -2.65 -2.48
N ASP B 382 4.30 -1.61 -3.25
CA ASP B 382 4.62 -0.29 -2.70
C ASP B 382 3.47 0.55 -2.18
N LYS B 383 3.77 1.34 -1.14
CA LYS B 383 2.83 2.26 -0.51
C LYS B 383 2.78 3.53 -1.34
N ASN B 384 1.59 4.01 -1.63
CA ASN B 384 1.44 5.22 -2.44
C ASN B 384 0.55 6.26 -1.76
N PHE B 385 1.11 7.42 -1.39
CA PHE B 385 0.31 8.49 -0.79
C PHE B 385 -0.48 9.12 -1.95
N ASP B 386 -1.74 9.45 -1.72
N ASP B 386 -1.76 9.39 -1.74
CA ASP B 386 -2.58 10.04 -2.78
CA ASP B 386 -2.63 10.00 -2.78
C ASP B 386 -3.64 10.98 -2.20
C ASP B 386 -3.66 10.97 -2.19
N SER B 387 -4.28 11.76 -3.07
CA SER B 387 -5.30 12.72 -2.67
C SER B 387 -6.71 12.12 -2.56
N GLY B 388 -6.86 10.85 -2.94
CA GLY B 388 -8.15 10.15 -2.90
C GLY B 388 -7.99 8.67 -2.65
N PRO B 389 -9.13 7.95 -2.54
CA PRO B 389 -9.20 6.51 -2.26
C PRO B 389 -9.02 5.51 -3.41
N LEU B 390 -9.02 5.95 -4.66
CA LEU B 390 -8.86 5.01 -5.76
C LEU B 390 -7.48 4.36 -5.82
N ARG B 391 -7.47 3.05 -6.06
CA ARG B 391 -6.24 2.30 -6.20
C ARG B 391 -5.63 2.77 -7.52
N ARG B 392 -4.33 3.07 -7.51
CA ARG B 392 -3.63 3.57 -8.69
C ARG B 392 -3.38 2.49 -9.74
N ASN B 393 -3.09 1.29 -9.27
CA ASN B 393 -2.85 0.22 -10.21
C ASN B 393 -3.03 -1.15 -9.64
N ASP B 394 -3.12 -2.10 -10.55
CA ASP B 394 -3.24 -3.51 -10.23
C ASP B 394 -1.92 -4.22 -10.43
N ASN B 395 -1.81 -5.35 -9.76
CA ASN B 395 -0.66 -6.22 -9.80
C ASN B 395 -1.09 -7.59 -10.30
N LEU B 396 -0.16 -8.29 -10.93
CA LEU B 396 -0.37 -9.67 -11.35
C LEU B 396 0.71 -10.34 -10.47
N ILE B 397 0.26 -11.09 -9.49
CA ILE B 397 1.16 -11.75 -8.58
C ILE B 397 1.21 -13.23 -8.91
N LEU B 398 2.43 -13.72 -9.16
CA LEU B 398 2.63 -15.13 -9.44
C LEU B 398 3.28 -15.79 -8.23
N GLU B 399 2.63 -16.79 -7.66
CA GLU B 399 3.20 -17.52 -6.52
C GLU B 399 3.00 -19.02 -6.76
N PHE B 400 3.80 -19.85 -6.11
CA PHE B 400 3.72 -21.31 -6.30
C PHE B 400 2.83 -22.06 -5.32
N GLU B 401 2.46 -23.28 -5.71
CA GLU B 401 1.62 -24.20 -4.92
C GLU B 401 0.17 -24.18 -5.41
N LYS B 419 -8.98 -17.49 10.72
CA LYS B 419 -9.32 -16.21 10.11
C LYS B 419 -8.71 -15.03 10.88
N GLY B 420 -7.92 -14.21 10.19
CA GLY B 420 -7.31 -13.03 10.79
C GLY B 420 -8.39 -12.06 11.17
N TRP B 421 -8.28 -11.44 12.34
CA TRP B 421 -9.30 -10.50 12.80
C TRP B 421 -8.71 -9.21 13.36
N VAL B 422 -8.92 -8.13 12.61
CA VAL B 422 -8.47 -6.79 12.97
C VAL B 422 -9.67 -5.87 12.87
N VAL B 423 -10.04 -5.23 13.98
CA VAL B 423 -11.20 -4.35 14.01
C VAL B 423 -10.86 -2.92 13.55
N GLY B 424 -9.61 -2.52 13.73
CA GLY B 424 -9.18 -1.18 13.31
C GLY B 424 -9.80 -0.03 14.06
N VAL B 425 -9.47 1.18 13.66
CA VAL B 425 -9.98 2.40 14.29
C VAL B 425 -11.45 2.64 13.94
N PRO B 426 -12.15 3.46 14.76
CA PRO B 426 -13.57 3.76 14.50
C PRO B 426 -13.82 4.67 13.30
N GLU B 437 -2.79 -3.07 1.09
CA GLU B 437 -3.83 -3.88 0.47
C GLU B 437 -4.00 -5.16 1.29
N GLY B 438 -5.23 -5.58 1.51
CA GLY B 438 -5.49 -6.78 2.28
C GLY B 438 -5.07 -8.02 1.52
N LEU B 439 -4.95 -9.14 2.23
CA LEU B 439 -4.55 -10.40 1.61
C LEU B 439 -5.63 -10.88 0.65
N GLU B 440 -6.88 -10.51 0.92
CA GLU B 440 -8.01 -10.90 0.06
C GLU B 440 -7.93 -10.11 -1.24
N GLU B 441 -7.54 -8.84 -1.14
CA GLU B 441 -7.37 -7.99 -2.30
C GLU B 441 -6.18 -8.51 -3.09
N LEU B 442 -5.16 -8.99 -2.37
CA LEU B 442 -4.00 -9.52 -3.07
C LEU B 442 -4.36 -10.85 -3.71
N ARG B 443 -5.19 -11.64 -3.04
CA ARG B 443 -5.61 -12.92 -3.59
C ARG B 443 -6.30 -12.73 -4.95
N GLU B 444 -7.09 -11.66 -5.08
CA GLU B 444 -7.79 -11.38 -6.34
C GLU B 444 -6.79 -11.11 -7.47
N GLN B 445 -5.61 -10.63 -7.10
CA GLN B 445 -4.53 -10.32 -8.04
C GLN B 445 -3.48 -11.41 -8.18
N THR B 446 -3.72 -12.55 -7.57
CA THR B 446 -2.77 -13.65 -7.60
C THR B 446 -3.19 -14.85 -8.45
N VAL B 447 -2.21 -15.39 -9.18
CA VAL B 447 -2.40 -16.57 -10.00
C VAL B 447 -1.37 -17.55 -9.48
N VAL B 448 -1.83 -18.74 -9.08
CA VAL B 448 -0.94 -19.77 -8.56
C VAL B 448 -0.27 -20.50 -9.72
N VAL B 449 1.04 -20.64 -9.65
CA VAL B 449 1.82 -21.31 -10.68
C VAL B 449 1.79 -22.82 -10.44
N PRO B 450 1.68 -23.61 -11.51
CA PRO B 450 1.64 -25.08 -11.41
C PRO B 450 2.95 -25.69 -10.92
N PRO B 471 13.19 -31.38 -18.62
CA PRO B 471 12.37 -32.25 -19.45
C PRO B 471 11.42 -31.44 -20.34
N ASP B 472 11.86 -31.21 -21.58
CA ASP B 472 11.09 -30.43 -22.57
C ASP B 472 9.57 -30.57 -22.51
N GLU B 473 9.07 -31.79 -22.60
CA GLU B 473 7.62 -32.03 -22.58
C GLU B 473 6.94 -31.47 -21.32
N ILE B 474 7.63 -31.53 -20.19
CA ILE B 474 7.07 -31.00 -18.94
C ILE B 474 7.10 -29.47 -18.95
N LYS B 475 8.21 -28.90 -19.40
CA LYS B 475 8.35 -27.45 -19.48
C LYS B 475 7.18 -26.95 -20.30
N ALA B 476 7.04 -27.49 -21.51
CA ALA B 476 5.96 -27.11 -22.43
C ALA B 476 4.61 -27.21 -21.72
N HIS B 477 4.40 -28.32 -21.02
CA HIS B 477 3.17 -28.56 -20.30
C HIS B 477 2.88 -27.52 -19.23
N LEU B 478 3.81 -27.36 -18.29
CA LEU B 478 3.63 -26.41 -17.19
C LEU B 478 3.45 -24.98 -17.67
N GLN B 479 4.13 -24.64 -18.76
CA GLN B 479 4.04 -23.32 -19.36
C GLN B 479 2.69 -23.13 -20.04
N GLU B 480 2.23 -24.18 -20.72
CA GLU B 480 0.95 -24.16 -21.41
C GLU B 480 -0.16 -23.94 -20.39
N ARG B 481 -0.02 -24.63 -19.26
CA ARG B 481 -1.00 -24.55 -18.18
C ARG B 481 -1.06 -23.15 -17.58
N LEU B 482 0.10 -22.58 -17.27
CA LEU B 482 0.14 -21.24 -16.70
C LEU B 482 -0.35 -20.21 -17.71
N GLN B 483 -0.04 -20.40 -18.98
CA GLN B 483 -0.51 -19.46 -20.00
C GLN B 483 -2.04 -19.48 -20.01
N GLU B 484 -2.61 -20.67 -19.92
CA GLU B 484 -4.07 -20.81 -19.90
C GLU B 484 -4.65 -20.16 -18.64
N ARG B 485 -4.03 -20.43 -17.49
CA ARG B 485 -4.50 -19.86 -16.23
C ARG B 485 -4.37 -18.33 -16.17
N VAL B 486 -3.26 -17.79 -16.66
CA VAL B 486 -3.06 -16.33 -16.66
C VAL B 486 -4.03 -15.68 -17.65
N GLY B 487 -4.20 -16.31 -18.81
CA GLY B 487 -5.10 -15.80 -19.83
C GLY B 487 -6.52 -15.66 -19.30
N GLU B 488 -6.97 -16.65 -18.52
N GLU B 488 -6.94 -16.65 -18.51
CA GLU B 488 -8.32 -16.62 -17.96
CA GLU B 488 -8.27 -16.67 -17.91
C GLU B 488 -8.41 -15.54 -16.88
C GLU B 488 -8.39 -15.53 -16.91
N HIS B 489 -7.37 -15.41 -16.08
CA HIS B 489 -7.30 -14.38 -15.04
C HIS B 489 -7.45 -12.98 -15.67
N LEU B 490 -6.76 -12.77 -16.79
CA LEU B 490 -6.80 -11.48 -17.50
C LEU B 490 -8.17 -11.19 -18.08
N GLU B 491 -8.90 -12.22 -18.51
CA GLU B 491 -10.24 -12.03 -19.06
C GLU B 491 -11.20 -11.70 -17.92
N LYS B 492 -11.07 -12.43 -16.83
CA LYS B 492 -11.93 -12.26 -15.67
C LYS B 492 -11.76 -10.90 -14.97
N ARG B 493 -10.54 -10.37 -14.92
CA ARG B 493 -10.35 -9.07 -14.27
C ARG B 493 -11.09 -7.96 -15.01
N LEU B 494 -11.30 -8.13 -16.33
CA LEU B 494 -12.03 -7.13 -17.12
C LEU B 494 -13.51 -7.05 -16.72
N GLN B 495 -14.01 -8.10 -16.08
N GLN B 495 -14.04 -8.08 -16.08
CA GLN B 495 -15.40 -8.18 -15.64
CA GLN B 495 -15.43 -8.07 -15.66
C GLN B 495 -15.56 -7.67 -14.20
C GLN B 495 -15.57 -7.61 -14.20
N ALA B 496 -14.44 -7.43 -13.53
CA ALA B 496 -14.45 -6.97 -12.14
C ALA B 496 -14.53 -5.45 -12.07
N SER B 497 -14.90 -4.96 -10.90
CA SER B 497 -15.00 -3.53 -10.73
C SER B 497 -14.62 -3.11 -9.33
N GLU B 498 -14.29 -1.84 -9.19
N GLU B 498 -14.28 -1.84 -9.18
CA GLU B 498 -13.91 -1.23 -7.93
CA GLU B 498 -13.91 -1.27 -7.90
C GLU B 498 -15.12 -0.40 -7.50
C GLU B 498 -15.09 -0.38 -7.50
N ARG B 499 -15.39 -0.36 -6.21
CA ARG B 499 -16.52 0.42 -5.68
C ARG B 499 -16.14 1.24 -4.47
N HIS B 500 -16.61 2.48 -4.49
CA HIS B 500 -16.38 3.46 -3.44
C HIS B 500 -17.67 4.21 -3.15
N THR B 501 -17.89 4.52 -1.88
CA THR B 501 -19.06 5.24 -1.43
C THR B 501 -18.62 6.54 -0.75
N PHE B 502 -19.26 7.65 -1.12
CA PHE B 502 -18.95 8.98 -0.61
C PHE B 502 -20.19 9.67 -0.06
N ALA B 503 -19.95 10.60 0.87
CA ALA B 503 -21.03 11.34 1.48
C ALA B 503 -21.65 12.41 0.57
N SER B 504 -20.99 12.75 -0.54
CA SER B 504 -21.51 13.76 -1.47
C SER B 504 -20.95 13.51 -2.84
N LEU B 505 -21.61 14.08 -3.84
CA LEU B 505 -21.16 13.95 -5.22
C LEU B 505 -19.80 14.58 -5.44
N ASP B 506 -19.60 15.79 -4.92
CA ASP B 506 -18.32 16.47 -5.14
C ASP B 506 -17.14 15.62 -4.65
N GLU B 507 -17.29 14.95 -3.50
CA GLU B 507 -16.20 14.14 -2.98
C GLU B 507 -15.90 12.96 -3.92
N ALA B 508 -16.95 12.38 -4.53
CA ALA B 508 -16.76 11.31 -5.49
C ALA B 508 -16.00 11.87 -6.69
N LEU B 509 -16.34 13.08 -7.13
CA LEU B 509 -15.66 13.71 -8.28
C LEU B 509 -14.20 14.04 -7.97
N LEU B 510 -13.92 14.44 -6.73
CA LEU B 510 -12.56 14.73 -6.30
C LEU B 510 -11.72 13.45 -6.31
N ALA B 511 -12.38 12.29 -6.19
CA ALA B 511 -11.64 11.00 -6.19
C ALA B 511 -11.16 10.68 -7.61
N LEU B 512 -11.80 11.27 -8.60
CA LEU B 512 -11.44 11.03 -9.99
C LEU B 512 -10.24 11.87 -10.42
N ASP B 513 -9.30 11.25 -11.13
CA ASP B 513 -8.15 12.00 -11.63
C ASP B 513 -8.65 12.94 -12.75
N ASP B 514 -7.81 13.82 -13.26
CA ASP B 514 -8.26 14.77 -14.27
C ASP B 514 -8.84 14.15 -15.54
N SER B 515 -8.23 13.07 -16.02
N SER B 515 -8.24 13.07 -16.03
CA SER B 515 -8.71 12.38 -17.22
CA SER B 515 -8.74 12.42 -17.25
C SER B 515 -10.08 11.76 -16.98
C SER B 515 -10.11 11.76 -16.99
N MET B 516 -10.27 11.18 -15.80
CA MET B 516 -11.54 10.56 -15.46
C MET B 516 -12.65 11.62 -15.41
N LEU B 517 -12.34 12.74 -14.77
CA LEU B 517 -13.31 13.84 -14.64
C LEU B 517 -13.73 14.29 -16.03
N THR B 518 -12.76 14.48 -16.91
CA THR B 518 -13.06 14.89 -18.29
C THR B 518 -13.99 13.86 -19.00
N SER B 519 -13.74 12.56 -18.78
CA SER B 519 -14.56 11.49 -19.39
C SER B 519 -16.01 11.59 -18.93
N VAL B 520 -16.21 11.85 -17.65
CA VAL B 520 -17.55 11.99 -17.10
C VAL B 520 -18.19 13.28 -17.65
N ALA B 521 -17.41 14.37 -17.72
CA ALA B 521 -17.91 15.66 -18.21
C ALA B 521 -18.39 15.58 -19.67
N GLN B 522 -17.75 14.73 -20.47
CA GLN B 522 -18.12 14.56 -21.87
C GLN B 522 -19.48 13.87 -21.98
N GLN B 523 -19.86 13.06 -21.01
CA GLN B 523 -21.15 12.39 -21.04
C GLN B 523 -22.25 13.11 -20.28
N ASN B 524 -21.93 13.66 -19.12
CA ASN B 524 -22.91 14.35 -18.28
C ASN B 524 -22.36 15.65 -17.70
N PRO B 525 -22.16 16.65 -18.59
CA PRO B 525 -21.60 17.95 -18.16
C PRO B 525 -22.39 18.63 -17.05
N GLU B 526 -23.68 18.35 -16.97
CA GLU B 526 -24.49 18.98 -15.95
C GLU B 526 -24.05 18.57 -14.54
N ILE B 527 -23.51 17.37 -14.36
CA ILE B 527 -23.14 17.03 -13.00
C ILE B 527 -21.72 17.41 -12.66
N THR B 528 -20.90 17.65 -13.69
CA THR B 528 -19.49 17.99 -13.47
C THR B 528 -19.05 19.45 -13.63
N ASP B 529 -19.91 20.34 -14.12
CA ASP B 529 -19.52 21.76 -14.33
C ASP B 529 -18.79 22.38 -13.14
N GLY B 530 -19.37 22.25 -11.95
CA GLY B 530 -18.73 22.78 -10.75
C GLY B 530 -17.37 22.15 -10.51
N ALA B 531 -17.29 20.82 -10.60
CA ALA B 531 -16.00 20.12 -10.38
C ALA B 531 -14.95 20.45 -11.45
N VAL B 532 -15.38 20.63 -12.72
CA VAL B 532 -14.46 21.00 -13.79
C VAL B 532 -13.89 22.42 -13.58
N ALA B 533 -14.74 23.35 -13.16
CA ALA B 533 -14.29 24.71 -12.89
C ALA B 533 -13.27 24.73 -11.74
N PHE B 534 -13.58 23.98 -10.69
CA PHE B 534 -12.71 23.85 -9.53
C PHE B 534 -11.37 23.27 -9.97
N ARG B 535 -11.42 22.22 -10.77
CA ARG B 535 -10.19 21.54 -11.21
C ARG B 535 -9.32 22.48 -12.05
N GLN B 536 -9.94 23.19 -13.00
N GLN B 536 -9.94 23.19 -12.99
CA GLN B 536 -9.22 24.12 -13.86
CA GLN B 536 -9.21 24.12 -13.85
C GLN B 536 -8.56 25.22 -13.03
C GLN B 536 -8.54 25.21 -13.02
N LYS B 537 -9.32 25.83 -12.13
CA LYS B 537 -8.77 26.90 -11.27
C LYS B 537 -7.64 26.37 -10.40
N ALA B 538 -7.80 25.17 -9.84
CA ALA B 538 -6.75 24.57 -9.00
C ALA B 538 -5.46 24.35 -9.83
N ARG B 539 -5.58 23.76 -11.01
CA ARG B 539 -4.41 23.53 -11.85
C ARG B 539 -3.72 24.85 -12.21
N ASP B 540 -4.50 25.86 -12.58
CA ASP B 540 -3.94 27.16 -12.92
C ASP B 540 -3.24 27.77 -11.70
N ALA B 541 -3.85 27.62 -10.52
CA ALA B 541 -3.27 28.17 -9.29
C ALA B 541 -2.00 27.43 -8.92
N PHE B 542 -2.01 26.12 -9.09
CA PHE B 542 -0.82 25.36 -8.79
C PHE B 542 0.33 25.80 -9.70
N THR B 543 0.03 26.07 -10.98
CA THR B 543 1.06 26.55 -11.91
C THR B 543 1.59 27.90 -11.48
N GLU B 544 0.69 28.81 -11.12
CA GLU B 544 1.07 30.15 -10.68
C GLU B 544 1.99 30.02 -9.46
N LEU B 545 1.65 29.10 -8.55
CA LEU B 545 2.48 28.89 -7.34
C LEU B 545 3.88 28.42 -7.73
N THR B 546 3.96 27.46 -8.65
CA THR B 546 5.25 26.95 -9.11
C THR B 546 6.08 28.07 -9.73
N VAL B 547 5.44 28.85 -10.60
CA VAL B 547 6.12 29.98 -11.25
C VAL B 547 6.67 30.94 -10.20
N ALA B 548 5.87 31.23 -9.17
CA ALA B 548 6.28 32.12 -8.07
C ALA B 548 7.46 31.55 -7.29
N ILE B 549 7.41 30.26 -6.98
CA ILE B 549 8.50 29.60 -6.24
C ILE B 549 9.80 29.66 -7.03
N VAL B 550 9.75 29.17 -8.27
CA VAL B 550 10.96 29.13 -9.11
C VAL B 550 11.48 30.51 -9.45
N SER B 551 10.58 31.47 -9.62
CA SER B 551 10.99 32.81 -9.98
C SER B 551 11.47 33.62 -8.77
N ALA B 552 11.29 33.10 -7.55
CA ALA B 552 11.71 33.81 -6.33
C ALA B 552 13.22 33.72 -6.04
N ASN B 553 13.85 32.64 -6.50
CA ASN B 553 15.29 32.38 -6.31
C ASN B 553 15.70 32.24 -4.86
N GLY B 554 14.87 31.57 -4.06
CA GLY B 554 15.12 31.33 -2.63
C GLY B 554 13.86 31.63 -1.84
N LEU B 555 13.50 30.75 -0.92
CA LEU B 555 12.30 30.91 -0.10
C LEU B 555 12.61 31.21 1.38
N ALA B 556 13.80 31.73 1.62
CA ALA B 556 14.24 32.05 2.96
C ALA B 556 14.23 33.55 3.10
N GLY B 557 14.42 34.04 4.32
CA GLY B 557 14.46 35.47 4.54
C GLY B 557 13.68 35.89 5.77
N ARG B 558 13.81 37.16 6.10
CA ARG B 558 13.11 37.70 7.24
C ARG B 558 11.61 37.69 7.01
N LEU B 559 11.20 38.01 5.78
CA LEU B 559 9.76 38.04 5.45
C LEU B 559 9.35 36.70 4.87
N LYS B 560 8.16 36.26 5.26
CA LYS B 560 7.66 34.99 4.85
C LYS B 560 7.22 34.98 3.38
N LEU B 561 7.89 34.16 2.57
CA LEU B 561 7.59 34.01 1.15
C LEU B 561 7.64 35.38 0.42
N ASP B 562 6.76 35.61 -0.55
CA ASP B 562 6.72 36.89 -1.26
C ASP B 562 5.29 37.15 -1.79
N GLU B 563 5.08 38.31 -2.40
N GLU B 563 5.05 38.30 -2.40
CA GLU B 563 3.74 38.66 -2.91
CA GLU B 563 3.71 38.62 -2.90
C GLU B 563 3.19 37.68 -3.96
C GLU B 563 3.20 37.63 -3.94
N ALA B 564 4.04 37.26 -4.90
CA ALA B 564 3.60 36.32 -5.95
C ALA B 564 3.17 34.97 -5.38
N MET B 565 3.94 34.47 -4.41
CA MET B 565 3.58 33.20 -3.78
C MET B 565 2.28 33.37 -2.97
N ARG B 566 2.17 34.48 -2.24
N ARG B 566 2.15 34.46 -2.22
CA ARG B 566 0.96 34.76 -1.45
CA ARG B 566 0.93 34.68 -1.45
C ARG B 566 -0.27 34.77 -2.36
C ARG B 566 -0.29 34.75 -2.37
N SER B 567 -0.15 35.45 -3.50
CA SER B 567 -1.25 35.55 -4.46
C SER B 567 -1.71 34.21 -4.97
N ALA B 568 -0.78 33.32 -5.29
CA ALA B 568 -1.13 31.98 -5.75
C ALA B 568 -1.85 31.22 -4.65
N LEU B 569 -1.31 31.28 -3.43
CA LEU B 569 -1.91 30.60 -2.30
C LEU B 569 -3.31 31.14 -2.02
N GLN B 570 -3.52 32.44 -2.18
CA GLN B 570 -4.85 33.02 -1.97
C GLN B 570 -5.89 32.44 -2.93
N ARG B 571 -5.47 32.15 -4.17
CA ARG B 571 -6.37 31.56 -5.13
C ARG B 571 -6.73 30.14 -4.70
N LEU B 572 -5.74 29.40 -4.21
CA LEU B 572 -5.99 28.04 -3.72
C LEU B 572 -6.92 28.10 -2.51
N ASP B 573 -6.64 29.03 -1.58
CA ASP B 573 -7.49 29.16 -0.39
C ASP B 573 -8.97 29.37 -0.78
N ALA B 574 -9.22 30.15 -1.81
CA ALA B 574 -10.59 30.44 -2.23
C ALA B 574 -11.31 29.19 -2.76
N LEU B 575 -10.53 28.23 -3.26
CA LEU B 575 -11.10 26.99 -3.79
C LEU B 575 -11.44 26.01 -2.66
N ALA B 576 -10.81 26.19 -1.50
CA ALA B 576 -11.00 25.30 -0.36
C ALA B 576 -12.25 25.65 0.45
N ASP B 577 -13.41 25.56 -0.19
CA ASP B 577 -14.66 25.96 0.47
C ASP B 577 -15.41 24.86 1.22
N THR B 578 -14.86 23.65 1.21
CA THR B 578 -15.40 22.51 1.93
C THR B 578 -14.21 21.75 2.51
N PRO B 579 -14.43 21.00 3.59
CA PRO B 579 -13.31 20.23 4.16
C PRO B 579 -12.73 19.26 3.14
N GLU B 580 -13.58 18.69 2.27
CA GLU B 580 -13.11 17.74 1.26
C GLU B 580 -12.20 18.42 0.23
N ARG B 581 -12.57 19.62 -0.19
CA ARG B 581 -11.76 20.36 -1.15
C ARG B 581 -10.45 20.83 -0.53
N LEU B 582 -10.49 21.26 0.72
CA LEU B 582 -9.28 21.68 1.43
C LEU B 582 -8.31 20.47 1.48
N ALA B 583 -8.82 19.32 1.89
CA ALA B 583 -7.98 18.12 1.99
C ALA B 583 -7.34 17.72 0.64
N TRP B 584 -8.12 17.81 -0.43
CA TRP B 584 -7.65 17.48 -1.75
C TRP B 584 -6.55 18.43 -2.19
N LEU B 585 -6.76 19.72 -1.99
CA LEU B 585 -5.78 20.73 -2.36
C LEU B 585 -4.48 20.53 -1.56
N ALA B 586 -4.62 20.22 -0.27
CA ALA B 586 -3.44 20.00 0.58
C ALA B 586 -2.69 18.74 0.14
N ALA B 587 -3.41 17.69 -0.25
CA ALA B 587 -2.74 16.47 -0.68
C ALA B 587 -2.06 16.72 -2.03
N GLU B 588 -2.73 17.45 -2.92
CA GLU B 588 -2.16 17.77 -4.22
C GLU B 588 -0.87 18.57 -4.07
N LEU B 589 -0.79 19.43 -3.06
CA LEU B 589 0.42 20.23 -2.85
C LEU B 589 1.58 19.36 -2.33
N ASN B 590 1.25 18.18 -1.80
CA ASN B 590 2.23 17.24 -1.29
C ASN B 590 2.81 16.20 -2.26
N HIS B 591 2.48 16.27 -3.54
N HIS B 591 2.49 16.28 -3.55
CA HIS B 591 3.00 15.26 -4.47
CA HIS B 591 3.06 15.29 -4.48
C HIS B 591 4.54 15.23 -4.35
C HIS B 591 4.58 15.25 -4.32
N ALA B 592 5.08 14.06 -4.01
CA ALA B 592 6.51 13.86 -3.80
C ALA B 592 7.43 14.21 -4.98
N ASP B 593 6.94 14.04 -6.20
CA ASP B 593 7.73 14.35 -7.39
C ASP B 593 7.76 15.84 -7.77
N ASN B 594 6.96 16.69 -7.11
CA ASN B 594 6.96 18.11 -7.46
C ASN B 594 8.03 18.80 -6.64
N VAL B 595 9.20 18.91 -7.26
CA VAL B 595 10.37 19.52 -6.61
C VAL B 595 10.12 20.91 -6.06
N ASP B 596 9.36 21.72 -6.77
CA ASP B 596 9.07 23.08 -6.34
C ASP B 596 8.09 23.17 -5.17
N HIS B 597 7.00 22.44 -5.21
CA HIS B 597 6.09 22.49 -4.07
C HIS B 597 6.78 21.92 -2.83
N GLN B 598 7.62 20.92 -3.06
N GLN B 598 7.57 20.86 -3.00
CA GLN B 598 8.35 20.29 -1.99
CA GLN B 598 8.32 20.26 -1.88
C GLN B 598 9.32 21.32 -1.38
C GLN B 598 9.27 21.29 -1.28
N GLN B 599 9.90 22.19 -2.21
N GLN B 599 9.82 22.12 -2.16
CA GLN B 599 10.81 23.21 -1.65
CA GLN B 599 10.74 23.16 -1.74
C GLN B 599 10.02 24.17 -0.76
C GLN B 599 10.01 24.13 -0.80
N LEU B 600 8.78 24.47 -1.17
CA LEU B 600 7.92 25.37 -0.41
C LEU B 600 7.57 24.76 0.95
N LEU B 601 7.16 23.48 0.95
CA LEU B 601 6.82 22.80 2.19
C LEU B 601 8.03 22.71 3.10
N ASP B 602 9.19 22.34 2.55
CA ASP B 602 10.41 22.25 3.37
C ASP B 602 10.73 23.62 3.94
N ALA B 603 10.56 24.65 3.12
CA ALA B 603 10.87 26.02 3.54
C ALA B 603 10.01 26.55 4.68
N MET B 604 8.76 26.12 4.72
CA MET B 604 7.83 26.59 5.74
C MET B 604 7.56 25.60 6.89
N ARG B 605 8.29 24.50 6.91
CA ARG B 605 8.13 23.47 7.94
C ARG B 605 8.16 24.05 9.36
N GLY B 606 7.19 23.64 10.17
CA GLY B 606 7.05 24.06 11.56
C GLY B 606 6.61 25.50 11.78
N GLN B 607 6.26 26.22 10.72
CA GLN B 607 5.84 27.62 10.88
C GLN B 607 4.35 27.81 10.74
N THR B 608 3.84 28.84 11.41
CA THR B 608 2.43 29.23 11.32
C THR B 608 2.35 30.02 10.02
N VAL B 609 1.33 29.75 9.21
CA VAL B 609 1.19 30.46 7.94
C VAL B 609 -0.25 30.95 7.82
N GLN B 610 -0.47 31.96 6.98
CA GLN B 610 -1.82 32.53 6.83
C GLN B 610 -2.72 31.71 5.94
N SER B 611 -2.16 31.12 4.89
CA SER B 611 -2.95 30.31 3.96
C SER B 611 -3.50 29.02 4.58
N PRO B 612 -4.84 28.84 4.59
CA PRO B 612 -5.33 27.59 5.16
C PRO B 612 -4.88 26.39 4.34
N VAL B 613 -4.75 26.54 3.01
CA VAL B 613 -4.28 25.44 2.19
C VAL B 613 -2.83 25.09 2.50
N LEU B 614 -1.97 26.10 2.61
CA LEU B 614 -0.58 25.81 2.95
C LEU B 614 -0.48 25.19 4.33
N ALA B 615 -1.27 25.69 5.28
CA ALA B 615 -1.24 25.14 6.67
C ALA B 615 -1.62 23.66 6.68
N ALA B 616 -2.67 23.33 5.93
CA ALA B 616 -3.12 21.94 5.83
C ALA B 616 -2.08 21.08 5.11
N ALA B 617 -1.42 21.65 4.10
CA ALA B 617 -0.39 20.93 3.36
C ALA B 617 0.81 20.65 4.26
N LEU B 618 1.16 21.61 5.11
CA LEU B 618 2.29 21.41 6.03
C LEU B 618 1.95 20.30 7.03
N ALA B 619 0.73 20.33 7.58
CA ALA B 619 0.30 19.30 8.52
C ALA B 619 0.34 17.91 7.86
N GLU B 620 -0.11 17.85 6.61
CA GLU B 620 -0.10 16.57 5.87
C GLU B 620 1.35 16.15 5.61
N ALA B 621 2.22 17.11 5.24
CA ALA B 621 3.62 16.75 5.01
C ALA B 621 4.23 16.13 6.27
N GLN B 622 3.88 16.65 7.44
CA GLN B 622 4.41 16.13 8.70
C GLN B 622 3.85 14.74 8.95
N ARG B 623 2.57 14.55 8.70
CA ARG B 623 2.00 13.22 8.89
C ARG B 623 2.65 12.20 7.97
N ARG B 624 2.96 12.59 6.73
CA ARG B 624 3.62 11.68 5.81
C ARG B 624 5.05 11.34 6.29
N LYS B 625 5.74 12.34 6.84
N LYS B 625 5.78 12.33 6.81
CA LYS B 625 7.09 12.15 7.35
CA LYS B 625 7.13 12.04 7.32
C LYS B 625 7.06 11.08 8.45
C LYS B 625 7.05 11.01 8.44
N VAL B 626 6.07 11.16 9.34
CA VAL B 626 5.91 10.20 10.43
C VAL B 626 5.59 8.81 9.87
N ALA B 627 4.72 8.74 8.86
CA ALA B 627 4.37 7.47 8.28
C ALA B 627 5.57 6.79 7.64
N VAL B 628 6.44 7.58 7.01
CA VAL B 628 7.64 7.03 6.40
C VAL B 628 8.58 6.46 7.48
N ILE B 629 8.76 7.20 8.56
CA ILE B 629 9.61 6.75 9.67
C ILE B 629 9.02 5.46 10.30
N ALA B 630 7.71 5.44 10.49
CA ALA B 630 7.02 4.28 11.04
C ALA B 630 7.23 3.04 10.17
N GLU B 631 7.22 3.23 8.86
CA GLU B 631 7.41 2.12 7.92
C GLU B 631 8.86 1.58 8.03
N ASN B 632 9.84 2.46 8.17
CA ASN B 632 11.22 2.04 8.32
C ASN B 632 11.43 1.27 9.62
N ILE B 633 10.80 1.75 10.69
CA ILE B 633 10.89 1.06 11.99
C ILE B 633 10.27 -0.32 11.86
N ARG B 634 9.13 -0.41 11.16
CA ARG B 634 8.49 -1.70 10.98
C ARG B 634 9.45 -2.66 10.27
N LYS B 635 10.02 -2.21 9.17
CA LYS B 635 10.94 -3.05 8.40
C LYS B 635 12.22 -3.40 9.14
N GLU B 636 12.84 -2.44 9.82
CA GLU B 636 14.11 -2.70 10.52
C GLU B 636 14.03 -3.31 11.92
N VAL B 637 13.03 -2.95 12.69
CA VAL B 637 12.89 -3.44 14.05
C VAL B 637 11.88 -4.55 14.22
N ILE B 638 10.66 -4.35 13.71
CA ILE B 638 9.63 -5.35 13.85
C ILE B 638 9.73 -6.59 12.97
N PHE B 639 9.84 -6.40 11.66
CA PHE B 639 9.92 -7.53 10.74
C PHE B 639 10.91 -8.64 11.12
N PRO B 640 12.16 -8.30 11.44
CA PRO B 640 13.13 -9.34 11.77
C PRO B 640 12.76 -10.17 13.01
N SER B 641 12.20 -9.53 14.03
N SER B 641 12.20 -9.50 14.02
CA SER B 641 11.82 -10.24 15.24
CA SER B 641 11.79 -10.15 15.25
C SER B 641 10.48 -10.96 15.06
C SER B 641 10.50 -10.92 15.07
N LEU B 642 9.58 -10.34 14.30
CA LEU B 642 8.28 -10.93 14.05
C LEU B 642 8.41 -12.26 13.32
N TYR B 643 9.25 -12.30 12.29
CA TYR B 643 9.44 -13.51 11.52
C TYR B 643 10.66 -14.35 11.94
N ARG B 644 11.19 -14.14 13.14
CA ARG B 644 12.31 -14.94 13.61
C ARG B 644 11.78 -16.34 13.90
N PRO B 645 12.47 -17.38 13.40
CA PRO B 645 11.97 -18.72 13.71
C PRO B 645 12.01 -19.00 15.22
N GLY B 646 10.94 -19.59 15.74
CA GLY B 646 10.85 -19.90 17.16
C GLY B 646 10.37 -18.80 18.07
N GLN B 647 10.01 -17.65 17.50
CA GLN B 647 9.54 -16.52 18.29
C GLN B 647 8.26 -16.94 19.05
N PRO B 648 8.29 -16.90 20.40
CA PRO B 648 7.09 -17.28 21.16
C PRO B 648 5.86 -16.48 20.74
N ASP B 649 4.68 -17.08 20.82
CA ASP B 649 3.44 -16.41 20.48
C ASP B 649 3.21 -15.08 21.24
N SER B 650 3.66 -15.00 22.49
CA SER B 650 3.46 -13.77 23.27
C SER B 650 4.24 -12.63 22.60
N ASN B 651 5.47 -12.88 22.17
CA ASN B 651 6.25 -11.82 21.48
C ASN B 651 5.63 -11.46 20.15
N VAL B 652 5.12 -12.45 19.42
CA VAL B 652 4.48 -12.16 18.15
C VAL B 652 3.28 -11.24 18.40
N ALA B 653 2.49 -11.52 19.43
CA ALA B 653 1.34 -10.68 19.74
C ALA B 653 1.80 -9.24 20.02
N LEU B 654 2.86 -9.10 20.82
CA LEU B 654 3.39 -7.79 21.17
C LEU B 654 3.82 -7.04 19.90
N LEU B 655 4.51 -7.76 19.01
CA LEU B 655 5.00 -7.18 17.76
C LEU B 655 3.85 -6.76 16.81
N ARG B 656 2.79 -7.55 16.77
N ARG B 656 2.79 -7.56 16.75
CA ARG B 656 1.63 -7.25 15.93
CA ARG B 656 1.65 -7.22 15.90
C ARG B 656 1.00 -5.95 16.43
C ARG B 656 0.97 -5.95 16.42
N ARG B 657 0.97 -5.79 17.75
CA ARG B 657 0.38 -4.62 18.36
C ARG B 657 1.25 -3.41 18.01
N ALA B 658 2.58 -3.58 18.05
CA ALA B 658 3.46 -2.47 17.70
C ALA B 658 3.24 -2.07 16.23
N GLU B 659 3.03 -3.07 15.36
CA GLU B 659 2.78 -2.80 13.94
C GLU B 659 1.53 -1.93 13.79
N GLU B 660 0.51 -2.23 14.59
CA GLU B 660 -0.76 -1.50 14.60
C GLU B 660 -0.50 -0.06 15.05
N GLN B 661 0.27 0.11 16.13
CA GLN B 661 0.59 1.46 16.63
C GLN B 661 1.34 2.25 15.58
N LEU B 662 2.25 1.58 14.88
CA LEU B 662 3.02 2.23 13.83
C LEU B 662 2.18 2.64 12.62
N ARG B 663 1.22 1.81 12.24
N ARG B 663 1.21 1.81 12.22
CA ARG B 663 0.32 2.09 11.12
CA ARG B 663 0.39 2.17 11.05
C ARG B 663 -0.52 3.33 11.36
C ARG B 663 -0.51 3.37 11.36
N HIS B 664 -0.84 3.57 12.64
CA HIS B 664 -1.68 4.71 13.01
C HIS B 664 -0.97 5.94 13.55
N ALA B 665 0.34 5.86 13.74
CA ALA B 665 1.09 6.99 14.27
C ALA B 665 1.02 8.22 13.37
N THR B 666 0.81 9.38 13.99
CA THR B 666 0.75 10.66 13.28
C THR B 666 1.72 11.68 13.88
N SER B 667 2.37 11.31 14.97
CA SER B 667 3.31 12.20 15.62
C SER B 667 4.48 11.41 16.14
N PRO B 668 5.59 12.10 16.40
CA PRO B 668 6.76 11.45 16.95
C PRO B 668 6.45 10.82 18.31
N ALA B 669 5.52 11.42 19.05
CA ALA B 669 5.12 10.90 20.36
C ALA B 669 4.52 9.48 20.24
N GLU B 670 3.67 9.28 19.24
CA GLU B 670 3.03 7.98 19.02
C GLU B 670 4.07 6.94 18.60
N ILE B 671 5.09 7.36 17.86
CA ILE B 671 6.16 6.44 17.47
C ILE B 671 6.94 6.03 18.72
N ASN B 672 7.20 7.00 19.59
N ASN B 672 7.26 6.98 19.60
CA ASN B 672 7.93 6.75 20.82
CA ASN B 672 7.98 6.62 20.83
C ASN B 672 7.21 5.76 21.74
C ASN B 672 7.20 5.70 21.75
N GLN B 673 5.89 5.86 21.81
CA GLN B 673 5.08 4.98 22.67
C GLN B 673 5.21 3.54 22.16
N ALA B 674 5.22 3.38 20.83
CA ALA B 674 5.34 2.06 20.22
C ALA B 674 6.70 1.47 20.60
N LEU B 675 7.73 2.30 20.53
CA LEU B 675 9.07 1.87 20.89
C LEU B 675 9.15 1.52 22.38
N ASN B 676 8.57 2.35 23.23
CA ASN B 676 8.57 2.10 24.69
C ASN B 676 7.87 0.81 25.08
N ASP B 677 6.72 0.53 24.45
CA ASP B 677 5.98 -0.69 24.72
C ASP B 677 6.82 -1.95 24.41
N ILE B 678 7.65 -1.87 23.36
CA ILE B 678 8.53 -2.98 22.99
C ILE B 678 9.64 -3.10 24.04
N VAL B 679 10.29 -1.99 24.37
CA VAL B 679 11.36 -2.04 25.38
C VAL B 679 10.87 -2.60 26.70
N ASP B 680 9.70 -2.15 27.15
CA ASP B 680 9.14 -2.59 28.43
C ASP B 680 8.53 -3.98 28.51
N ASN B 681 8.21 -4.59 27.38
CA ASN B 681 7.54 -5.90 27.40
C ASN B 681 8.17 -7.07 26.63
N TYR B 682 9.03 -6.76 25.67
CA TYR B 682 9.66 -7.82 24.88
C TYR B 682 10.56 -8.66 25.76
N SER B 683 10.43 -9.98 25.65
CA SER B 683 11.24 -10.91 26.46
C SER B 683 12.26 -11.73 25.65
N THR B 697 18.66 -8.05 20.59
CA THR B 697 18.95 -6.86 19.78
C THR B 697 17.66 -6.10 19.43
N THR B 698 16.50 -6.74 19.50
CA THR B 698 15.25 -6.06 19.18
C THR B 698 15.10 -4.86 20.09
N VAL B 699 15.24 -5.09 21.39
CA VAL B 699 15.12 -4.03 22.38
C VAL B 699 16.17 -2.95 22.10
N GLU B 700 17.35 -3.36 21.68
CA GLU B 700 18.44 -2.43 21.38
C GLU B 700 18.07 -1.51 20.23
N MET B 701 17.55 -2.10 19.16
N MET B 701 17.55 -2.10 19.16
CA MET B 701 17.17 -1.32 17.99
CA MET B 701 17.14 -1.35 17.99
C MET B 701 16.02 -0.37 18.34
C MET B 701 16.03 -0.36 18.35
N ALA B 702 15.13 -0.80 19.23
CA ALA B 702 14.00 0.03 19.65
C ALA B 702 14.51 1.27 20.38
N LYS B 703 15.42 1.07 21.33
CA LYS B 703 15.99 2.19 22.08
C LYS B 703 16.77 3.11 21.13
N ALA B 704 17.41 2.52 20.11
CA ALA B 704 18.18 3.29 19.13
C ALA B 704 17.27 4.26 18.37
N TRP B 705 16.14 3.76 17.87
CA TRP B 705 15.21 4.61 17.15
C TRP B 705 14.56 5.68 18.02
N ARG B 706 14.36 5.37 19.30
CA ARG B 706 13.73 6.30 20.22
C ARG B 706 14.58 7.56 20.41
N ASN B 707 15.89 7.41 20.27
CA ASN B 707 16.82 8.53 20.42
C ASN B 707 17.83 8.56 19.27
#